data_7E14
#
_entry.id   7E14
#
_cell.length_a   1.00
_cell.length_b   1.00
_cell.length_c   1.00
_cell.angle_alpha   90.00
_cell.angle_beta   90.00
_cell.angle_gamma   90.00
#
_symmetry.space_group_name_H-M   'P 1'
#
loop_
_entity.id
_entity.type
_entity.pdbx_description
1 polymer Gs
2 polymer 'Guanine nucleotide-binding protein G(I)/G(S)/G(T) subunit beta-1'
3 polymer 'G protein'
4 polymer Nb35
5 polymer 'Glucagon-like peptide 1 receptor'
6 non-polymer 3-[(1S,2S)-1-(5-[(4S)-2,2-dimethyloxan-4-yl]-2-{(4S)-2-(4-fluoro-3,5-dimethylphenyl)-3-[3-(4-fluoro-1-methyl-1H-indazol-5-yl)-2-oxo-2,3-dihydro-1H-imidazol-1-yl]-4-methyl-2,4,6,7-tetrahydro-5H-pyrazolo[4,3-c]pyridine-5-carbonyl}-1H-indol-1-yl)-2-methylcyclopropyl]-1,2,4-oxadiazol-5(4H)-one
7 non-polymer CHOLESTEROL
8 non-polymer N-tert-butyl-6,7-bis(chloranyl)quinoxalin-2-amine
#
loop_
_entity_poly.entity_id
_entity_poly.type
_entity_poly.pdbx_seq_one_letter_code
_entity_poly.pdbx_strand_id
1 'polypeptide(L)'
;MGCLGNSKTEDQRNEEKAQREANKKIEKQLQKDKQVYRATHRLLLLGADNSGKSTIVKQMRIYHVNSGIFETKFQVDKVN
FHMFDVGAQRDERRKWIQCFNDVTAIIFVVDSSDYNRLQAALKLFDSIWNNKWLRDTSVILFLNKQDLLAEKVLAGKSKI
EDYFPEFARYTTPEDATPEPGEDPRVTRAKYFIRDEFLRISTASGDGRHYCYPHFTCSVDTENIRRVFNDCRDIIQRMHL
RQYELL
;
A
2 'polypeptide(L)'
;MGSLLQSELDQLRQEAEQLKNQIRDARKACADATLSQITNNIDPVGRIQMRTRRTLRGHLAKIYAMHWGTDSRLLVSASQ
DGKLIIWDSYTTNKVHAIPLRSSWVMTCAYAPSGNYVACGGLDNICSIYNLKTREGNVRVSRELAGHTGYLSCCRFLDDN
QIVTSSGDTTCALWDIETGQQTTTFTGHTGDVMSLSLAPDTRLFVSGACDASAKLWDVREGMCRQTFTGHESDINAICFF
PNGNAFATGSDDATCRLFDLRADQELMTYSHDNIICGITSVSFSKSGRLLLAGYDDFNCNVWDALKADRAGVLAGHDNRV
SCLGVTDDGMAVATGSWDSFLKIWN
;
B
3 'polypeptide(L)' MASNNTASIAQARKLVEQLKMEANIDRIKVSKAAADLMAYCEAHAKEDPLLTPVPASENPFREKKFFCAIL G
4 'polypeptide(L)'
;QVQLQESGGGLVQPGGSLRLSCAASGFTFSNYKMNWVRQAPGKGLEWVSDISQSGASISYTGSVKGRFTISRDNAKNTLY
LQMNSLKPEDTAVYYCARCPAPFTRDCFDVTSTTYAYRGQGTQVTVSS
;
N
5 'polypeptide(L)'
;RPQGATVSLWETVQKWREYRRQCQRSLTEDPPPATDLFCNRTFDEYACWPDGEPGSFVNVSCPWYLPWASSVPQGHVYRF
CTAEGLWLQKDNSSLPWRDLSECEESKRGERSSPEEQLLFLYIIYTVGYALSFSALVIASAILLGFRHLHCTRNYIHLNL
FASFILRALSVFIKDAALKWMYSTAAQQHQWDGLLSYQDSLSCRLVFLLMQYCVAANYYWLLVEGVYLYTLLAFSVLSEQ
WIFRLYVSIGWGVPLLFVVPWGIVKYLYEDEGCWTRNSNMNYWLIIRLPILFAIGVNFLIFVRVICIVVSKLKANLMCKT
DIKCRLAKSTLTLIPLLGTHEVIFAFVMDEHARGTLRFIKLFTELSFTSFQGLMVAILYCFVNNEVQLEFRKSWERWRLE
HLHIQRDSSMKPLKCPTSSLSSGATAGSSMYTATCQASCS
;
R
#
# COMPACT_ATOMS: atom_id res chain seq x y z
N ASP A 11 16.46 -25.33 -29.82
CA ASP A 11 17.16 -24.05 -29.68
C ASP A 11 16.69 -23.30 -28.43
N GLN A 12 16.99 -22.01 -28.37
CA GLN A 12 16.57 -21.20 -27.24
C GLN A 12 15.06 -21.03 -27.20
N ARG A 13 14.41 -21.02 -28.37
CA ARG A 13 12.97 -20.79 -28.43
C ARG A 13 12.18 -21.89 -27.74
N ASN A 14 12.56 -23.15 -27.90
CA ASN A 14 11.80 -24.24 -27.31
C ASN A 14 11.83 -24.17 -25.79
N GLU A 15 13.02 -24.02 -25.21
CA GLU A 15 13.12 -23.89 -23.76
C GLU A 15 12.49 -22.60 -23.24
N GLU A 16 12.56 -21.51 -24.01
CA GLU A 16 11.87 -20.29 -23.61
C GLU A 16 10.36 -20.50 -23.56
N LYS A 17 9.80 -21.19 -24.56
CA LYS A 17 8.37 -21.47 -24.56
C LYS A 17 7.99 -22.40 -23.41
N ALA A 18 8.84 -23.39 -23.12
CA ALA A 18 8.56 -24.27 -21.99
C ALA A 18 8.57 -23.49 -20.67
N GLN A 19 9.55 -22.59 -20.50
CA GLN A 19 9.60 -21.79 -19.29
C GLN A 19 8.40 -20.86 -19.18
N ARG A 20 7.97 -20.28 -20.31
CA ARG A 20 6.79 -19.42 -20.29
C ARG A 20 5.53 -20.20 -19.96
N GLU A 21 5.41 -21.44 -20.47
CA GLU A 21 4.26 -22.27 -20.11
C GLU A 21 4.26 -22.63 -18.63
N ALA A 22 5.44 -22.95 -18.08
CA ALA A 22 5.54 -23.21 -16.65
C ALA A 22 5.17 -21.98 -15.84
N ASN A 23 5.62 -20.80 -16.29
CA ASN A 23 5.26 -19.56 -15.60
C ASN A 23 3.76 -19.30 -15.69
N LYS A 24 3.14 -19.61 -16.83
CA LYS A 24 1.70 -19.44 -16.98
C LYS A 24 0.94 -20.35 -16.03
N LYS A 25 1.39 -21.60 -15.90
CA LYS A 25 0.77 -22.49 -14.92
C LYS A 25 0.96 -21.99 -13.49
N ILE A 26 2.14 -21.43 -13.21
CA ILE A 26 2.40 -20.88 -11.88
C ILE A 26 1.46 -19.71 -11.59
N GLU A 27 1.25 -18.83 -12.59
CA GLU A 27 0.27 -17.75 -12.44
C GLU A 27 -1.13 -18.30 -12.23
N LYS A 28 -1.50 -19.34 -12.97
CA LYS A 28 -2.82 -19.94 -12.81
C LYS A 28 -3.04 -20.47 -11.40
N GLN A 29 -2.04 -21.14 -10.82
CA GLN A 29 -2.15 -21.60 -9.44
C GLN A 29 -2.14 -20.45 -8.44
N LEU A 30 -1.25 -19.48 -8.64
CA LEU A 30 -1.13 -18.36 -7.71
C LEU A 30 -2.39 -17.51 -7.69
N GLN A 31 -3.10 -17.42 -8.82
CA GLN A 31 -4.32 -16.62 -8.84
C GLN A 31 -5.43 -17.26 -8.02
N LYS A 32 -5.62 -18.57 -8.12
CA LYS A 32 -6.58 -19.26 -7.26
C LYS A 32 -6.16 -19.16 -5.80
N ASP A 33 -4.86 -19.29 -5.52
CA ASP A 33 -4.40 -19.17 -4.14
C ASP A 33 -4.58 -17.74 -3.62
N LYS A 34 -4.47 -16.74 -4.49
CA LYS A 34 -4.83 -15.37 -4.12
C LYS A 34 -6.32 -15.27 -3.82
N GLN A 35 -7.16 -15.93 -4.61
CA GLN A 35 -8.59 -15.92 -4.35
C GLN A 35 -8.89 -16.47 -2.95
N VAL A 36 -8.24 -17.57 -2.58
CA VAL A 36 -8.53 -18.17 -1.28
C VAL A 36 -7.85 -17.38 -0.16
N TYR A 37 -6.74 -16.69 -0.47
CA TYR A 37 -6.02 -15.93 0.54
C TYR A 37 -6.77 -14.66 0.92
N ARG A 38 -7.25 -13.91 -0.09
CA ARG A 38 -7.94 -12.66 0.19
C ARG A 38 -9.23 -12.88 0.95
N ALA A 39 -9.96 -13.94 0.64
CA ALA A 39 -11.21 -14.23 1.34
C ALA A 39 -10.98 -14.62 2.79
N THR A 40 -9.82 -15.19 3.10
CA THR A 40 -9.51 -15.59 4.47
C THR A 40 -8.97 -14.40 5.26
N HIS A 41 -9.56 -14.15 6.42
CA HIS A 41 -9.14 -13.07 7.28
C HIS A 41 -8.22 -13.61 8.37
N ARG A 42 -6.95 -13.21 8.33
CA ARG A 42 -5.98 -13.68 9.32
C ARG A 42 -6.13 -12.89 10.62
N LEU A 43 -6.03 -13.60 11.73
CA LEU A 43 -6.14 -13.01 13.05
C LEU A 43 -4.99 -13.49 13.93
N LEU A 44 -4.55 -12.63 14.84
CA LEU A 44 -3.50 -12.95 15.80
C LEU A 44 -4.08 -12.98 17.20
N LEU A 45 -3.91 -14.10 17.89
CA LEU A 45 -4.40 -14.28 19.24
C LEU A 45 -3.24 -14.21 20.23
N LEU A 46 -3.34 -13.34 21.22
CA LEU A 46 -2.31 -13.19 22.24
C LEU A 46 -2.95 -12.66 23.51
N GLY A 47 -2.25 -12.88 24.63
CA GLY A 47 -2.73 -12.43 25.92
C GLY A 47 -1.91 -12.98 27.08
N SER A 67 3.61 -27.49 16.52
CA SER A 67 4.52 -26.48 16.00
C SER A 67 4.65 -25.30 16.98
N GLY A 68 5.30 -24.24 16.53
CA GLY A 68 5.49 -23.06 17.36
C GLY A 68 4.29 -22.13 17.33
N ILE A 69 3.25 -22.52 16.59
CA ILE A 69 2.05 -21.70 16.46
C ILE A 69 0.85 -22.59 16.20
N PHE A 70 -0.30 -22.27 16.80
CA PHE A 70 -1.52 -23.00 16.58
C PHE A 70 -2.43 -22.26 15.61
N GLU A 71 -3.23 -23.03 14.88
CA GLU A 71 -4.16 -22.49 13.90
C GLU A 71 -5.56 -23.04 14.16
N THR A 72 -6.53 -22.14 14.22
CA THR A 72 -7.92 -22.49 14.47
C THR A 72 -8.79 -21.89 13.37
N LYS A 73 -9.38 -22.74 12.54
CA LYS A 73 -10.23 -22.28 11.45
C LYS A 73 -11.69 -22.30 11.88
N PHE A 74 -12.35 -21.15 11.78
CA PHE A 74 -13.77 -21.05 12.06
C PHE A 74 -14.41 -20.12 11.02
N GLN A 75 -15.67 -20.42 10.68
CA GLN A 75 -16.37 -19.76 9.59
C GLN A 75 -17.69 -19.19 10.09
N VAL A 76 -17.94 -17.92 9.77
CA VAL A 76 -19.19 -17.24 10.10
C VAL A 76 -19.68 -16.52 8.87
N ASP A 77 -20.94 -16.75 8.49
CA ASP A 77 -21.57 -16.09 7.35
C ASP A 77 -20.77 -16.29 6.07
N LYS A 78 -20.27 -17.51 5.89
CA LYS A 78 -19.59 -17.97 4.68
C LYS A 78 -18.28 -17.22 4.40
N VAL A 79 -17.69 -16.58 5.41
CA VAL A 79 -16.35 -16.02 5.30
C VAL A 79 -15.47 -16.68 6.36
N ASN A 80 -14.25 -17.04 5.97
CA ASN A 80 -13.36 -17.82 6.81
C ASN A 80 -12.41 -16.91 7.59
N PHE A 81 -12.30 -17.18 8.90
CA PHE A 81 -11.36 -16.49 9.77
C PHE A 81 -10.34 -17.51 10.24
N HIS A 82 -9.06 -17.21 10.03
CA HIS A 82 -7.97 -18.13 10.35
C HIS A 82 -7.11 -17.46 11.42
N MET A 83 -7.44 -17.73 12.68
CA MET A 83 -6.77 -17.09 13.81
C MET A 83 -5.49 -17.84 14.16
N PHE A 84 -4.44 -17.09 14.51
CA PHE A 84 -3.15 -17.65 14.88
C PHE A 84 -2.91 -17.46 16.37
N ASP A 85 -2.46 -18.53 17.03
CA ASP A 85 -2.04 -18.49 18.41
C ASP A 85 -0.66 -19.13 18.51
N VAL A 86 0.32 -18.35 18.95
CA VAL A 86 1.70 -18.82 18.98
C VAL A 86 1.90 -19.79 20.14
N GLY A 87 2.70 -20.82 19.93
CA GLY A 87 2.97 -21.81 20.94
C GLY A 87 4.35 -21.68 21.56
N ALA A 88 5.29 -22.51 21.11
CA ALA A 88 6.65 -22.47 21.64
C ALA A 88 7.41 -21.28 21.10
N GLN A 89 7.23 -20.12 21.74
CA GLN A 89 7.90 -18.89 21.36
C GLN A 89 8.52 -18.25 22.59
N ARG A 90 9.67 -17.61 22.40
CA ARG A 90 10.31 -16.92 23.51
C ARG A 90 9.60 -15.61 23.79
N ASP A 91 9.60 -15.22 25.07
CA ASP A 91 8.79 -14.10 25.54
C ASP A 91 9.19 -12.76 24.95
N GLU A 92 10.39 -12.62 24.37
CA GLU A 92 10.71 -11.42 23.62
C GLU A 92 10.00 -11.47 22.27
N ARG A 93 8.82 -10.86 22.19
CA ARG A 93 7.98 -10.97 21.01
C ARG A 93 8.20 -9.85 20.00
N ARG A 94 9.09 -8.90 20.29
CA ARG A 94 9.19 -7.69 19.49
C ARG A 94 9.55 -7.97 18.03
N LYS A 95 10.20 -9.09 17.75
CA LYS A 95 10.67 -9.36 16.39
C LYS A 95 9.69 -10.20 15.58
N TRP A 96 9.30 -11.37 16.11
CA TRP A 96 8.45 -12.26 15.34
C TRP A 96 7.03 -11.73 15.20
N ILE A 97 6.64 -10.73 16.01
CA ILE A 97 5.30 -10.16 15.88
C ILE A 97 5.22 -9.24 14.66
N GLN A 98 6.36 -8.88 14.08
CA GLN A 98 6.37 -8.04 12.88
C GLN A 98 5.74 -8.73 11.69
N CYS A 99 5.57 -10.05 11.72
CA CYS A 99 4.93 -10.76 10.63
C CYS A 99 3.42 -10.53 10.62
N PHE A 100 2.84 -10.13 11.74
CA PHE A 100 1.40 -9.96 11.87
C PHE A 100 0.96 -8.52 11.64
N ASN A 101 1.68 -7.78 10.79
CA ASN A 101 1.32 -6.41 10.49
C ASN A 101 0.27 -6.31 9.39
N ASP A 102 -0.03 -7.41 8.69
CA ASP A 102 -0.99 -7.39 7.60
C ASP A 102 -2.24 -8.20 7.94
N VAL A 103 -2.39 -8.64 9.19
CA VAL A 103 -3.58 -9.38 9.58
C VAL A 103 -4.78 -8.44 9.65
N THR A 104 -5.97 -9.02 9.58
CA THR A 104 -7.20 -8.23 9.65
C THR A 104 -7.31 -7.52 10.99
N ALA A 105 -7.04 -8.23 12.08
CA ALA A 105 -7.10 -7.65 13.41
C ALA A 105 -6.28 -8.50 14.37
N ILE A 106 -5.93 -7.89 15.50
CA ILE A 106 -5.24 -8.58 16.59
C ILE A 106 -6.22 -8.76 17.74
N ILE A 107 -6.40 -9.99 18.18
CA ILE A 107 -7.35 -10.30 19.24
C ILE A 107 -6.61 -10.30 20.57
N PHE A 108 -7.02 -9.40 21.47
CA PHE A 108 -6.41 -9.27 22.78
C PHE A 108 -7.34 -9.86 23.82
N VAL A 109 -6.83 -10.80 24.62
CA VAL A 109 -7.60 -11.45 25.67
C VAL A 109 -6.97 -11.09 27.01
N VAL A 110 -7.79 -10.60 27.93
CA VAL A 110 -7.35 -10.22 29.27
C VAL A 110 -7.97 -11.19 30.26
N ASP A 111 -7.14 -11.74 31.14
CA ASP A 111 -7.61 -12.69 32.14
C ASP A 111 -8.42 -11.98 33.22
N ASN A 116 -0.90 -7.59 40.09
CA ASN A 116 -2.06 -8.05 39.35
C ASN A 116 -1.71 -8.25 37.88
N ARG A 117 -2.33 -9.27 37.27
CA ARG A 117 -2.10 -9.53 35.85
C ARG A 117 -2.69 -8.42 34.98
N LEU A 118 -3.63 -7.65 35.52
CA LEU A 118 -4.29 -6.61 34.72
C LEU A 118 -3.32 -5.53 34.28
N GLN A 119 -2.40 -5.11 35.16
CA GLN A 119 -1.43 -4.09 34.79
C GLN A 119 -0.49 -4.59 33.71
N ALA A 120 -0.04 -5.85 33.82
CA ALA A 120 0.81 -6.43 32.78
C ALA A 120 0.08 -6.51 31.45
N ALA A 121 -1.20 -6.90 31.48
CA ALA A 121 -1.99 -6.93 30.25
C ALA A 121 -2.16 -5.54 29.67
N LEU A 122 -2.34 -4.54 30.54
CA LEU A 122 -2.48 -3.16 30.07
C LEU A 122 -1.21 -2.69 29.38
N LYS A 123 -0.05 -2.98 29.97
CA LYS A 123 1.20 -2.57 29.32
C LYS A 123 1.46 -3.36 28.05
N LEU A 124 1.06 -4.64 28.01
CA LEU A 124 1.18 -5.42 26.78
C LEU A 124 0.33 -4.82 25.67
N PHE A 125 -0.90 -4.42 26.01
CA PHE A 125 -1.77 -3.76 25.04
C PHE A 125 -1.20 -2.42 24.61
N ASP A 126 -0.59 -1.68 25.54
CA ASP A 126 0.05 -0.41 25.21
C ASP A 126 1.19 -0.63 24.22
N SER A 127 2.00 -1.66 24.44
CA SER A 127 3.08 -1.99 23.52
C SER A 127 2.55 -2.37 22.14
N ILE A 128 1.46 -3.15 22.09
CA ILE A 128 0.88 -3.52 20.81
C ILE A 128 0.34 -2.29 20.08
N TRP A 129 -0.35 -1.42 20.80
CA TRP A 129 -1.01 -0.28 20.18
C TRP A 129 0.00 0.70 19.58
N ASN A 130 1.09 0.94 20.29
CA ASN A 130 2.11 1.89 19.85
C ASN A 130 3.24 1.25 19.06
N ASN A 131 3.10 -0.03 18.69
CA ASN A 131 4.11 -0.69 17.88
C ASN A 131 4.23 0.00 16.54
N LYS A 132 5.48 0.09 16.03
CA LYS A 132 5.73 0.82 14.80
C LYS A 132 5.01 0.21 13.60
N TRP A 133 5.02 -1.12 13.49
CA TRP A 133 4.44 -1.81 12.36
C TRP A 133 2.99 -2.26 12.58
N LEU A 134 2.46 -2.07 13.79
CA LEU A 134 1.08 -2.43 14.09
C LEU A 134 0.16 -1.20 14.16
N ARG A 135 0.62 -0.05 13.67
CA ARG A 135 -0.22 1.15 13.71
C ARG A 135 -1.42 1.03 12.77
N ASP A 136 -1.31 0.22 11.73
CA ASP A 136 -2.39 0.06 10.76
C ASP A 136 -3.29 -1.13 11.06
N THR A 137 -3.07 -1.85 12.16
CA THR A 137 -3.83 -3.04 12.51
C THR A 137 -4.73 -2.72 13.69
N SER A 138 -6.04 -2.92 13.51
CA SER A 138 -6.98 -2.73 14.61
C SER A 138 -6.89 -3.90 15.59
N VAL A 139 -7.29 -3.64 16.83
CA VAL A 139 -7.21 -4.62 17.90
C VAL A 139 -8.62 -4.92 18.41
N ILE A 140 -8.95 -6.20 18.49
CA ILE A 140 -10.21 -6.64 19.09
C ILE A 140 -9.89 -7.06 20.53
N LEU A 141 -10.54 -6.42 21.49
CA LEU A 141 -10.22 -6.59 22.90
C LEU A 141 -11.32 -7.41 23.58
N PHE A 142 -10.93 -8.46 24.28
CA PHE A 142 -11.83 -9.25 25.10
C PHE A 142 -11.41 -9.14 26.56
N LEU A 143 -12.36 -8.79 27.43
CA LEU A 143 -12.07 -8.43 28.80
C LEU A 143 -12.68 -9.46 29.76
N ASN A 144 -11.90 -9.84 30.76
CA ASN A 144 -12.36 -10.74 31.82
C ASN A 144 -11.81 -10.18 33.13
N LYS A 145 -11.91 -10.97 34.20
CA LYS A 145 -11.42 -10.63 35.53
C LYS A 145 -10.23 -9.67 35.58
N ILE A 160 -8.66 -4.89 43.57
CA ILE A 160 -8.93 -4.15 42.36
C ILE A 160 -8.72 -2.66 42.60
N GLU A 161 -9.26 -2.17 43.71
CA GLU A 161 -9.19 -0.75 44.03
C GLU A 161 -7.79 -0.30 44.46
N ASP A 162 -7.04 -1.17 45.14
CA ASP A 162 -5.72 -0.76 45.62
C ASP A 162 -4.66 -0.81 44.51
N TYR A 163 -4.85 -1.66 43.50
CA TYR A 163 -3.94 -1.65 42.36
C TYR A 163 -4.11 -0.42 41.48
N PHE A 164 -5.29 0.20 41.50
CA PHE A 164 -5.57 1.36 40.66
C PHE A 164 -6.21 2.45 41.51
N PRO A 165 -5.43 3.43 41.97
CA PRO A 165 -6.00 4.52 42.77
C PRO A 165 -7.06 5.32 42.04
N GLU A 166 -6.96 5.43 40.72
CA GLU A 166 -7.94 6.20 39.96
C GLU A 166 -9.31 5.54 39.93
N PHE A 167 -9.41 4.29 40.38
CA PHE A 167 -10.71 3.63 40.52
C PHE A 167 -11.59 4.29 41.56
N ALA A 168 -11.01 4.99 42.54
CA ALA A 168 -11.82 5.67 43.55
C ALA A 168 -12.59 6.83 42.95
N ARG A 169 -12.00 7.56 42.01
CA ARG A 169 -12.68 8.69 41.36
C ARG A 169 -13.42 8.29 40.09
N TYR A 170 -13.30 7.04 39.64
CA TYR A 170 -13.97 6.61 38.42
C TYR A 170 -15.48 6.52 38.65
N THR A 171 -16.24 6.83 37.60
CA THR A 171 -17.69 6.75 37.62
C THR A 171 -18.17 5.93 36.43
N THR A 172 -19.30 5.26 36.60
CA THR A 172 -19.83 4.43 35.53
C THR A 172 -20.26 5.31 34.36
N PRO A 173 -19.81 4.99 33.14
CA PRO A 173 -20.22 5.79 31.98
C PRO A 173 -21.71 5.68 31.71
N GLU A 174 -22.27 6.76 31.15
CA GLU A 174 -23.68 6.82 30.83
C GLU A 174 -23.98 6.45 29.38
N ASP A 175 -22.98 6.44 28.51
CA ASP A 175 -23.19 6.11 27.11
C ASP A 175 -23.40 4.62 26.87
N ALA A 176 -23.16 3.77 27.88
CA ALA A 176 -23.34 2.33 27.74
C ALA A 176 -24.17 1.80 28.90
N THR A 177 -24.91 0.73 28.65
CA THR A 177 -25.79 0.15 29.65
C THR A 177 -25.30 -1.23 30.06
N PRO A 178 -25.46 -1.58 31.34
CA PRO A 178 -25.01 -2.91 31.80
C PRO A 178 -25.95 -4.01 31.34
N GLU A 179 -25.45 -5.24 31.43
CA GLU A 179 -26.28 -6.41 31.20
C GLU A 179 -27.28 -6.58 32.32
N PRO A 180 -28.46 -7.16 32.02
CA PRO A 180 -29.46 -7.36 33.08
C PRO A 180 -28.93 -8.29 34.17
N GLY A 181 -29.28 -7.98 35.42
CA GLY A 181 -28.86 -8.76 36.55
C GLY A 181 -27.49 -8.42 37.10
N GLU A 182 -26.77 -7.47 36.51
CA GLU A 182 -25.44 -7.12 36.97
C GLU A 182 -25.50 -6.14 38.13
N ASP A 183 -24.69 -6.40 39.15
CA ASP A 183 -24.60 -5.48 40.27
C ASP A 183 -23.92 -4.18 39.84
N PRO A 184 -24.33 -3.03 40.37
CA PRO A 184 -23.69 -1.77 39.99
C PRO A 184 -22.19 -1.73 40.23
N ARG A 185 -21.72 -2.35 41.32
CA ARG A 185 -20.28 -2.38 41.58
C ARG A 185 -19.54 -3.19 40.53
N VAL A 186 -20.10 -4.34 40.13
CA VAL A 186 -19.47 -5.15 39.09
C VAL A 186 -19.43 -4.39 37.77
N THR A 187 -20.53 -3.70 37.43
CA THR A 187 -20.56 -2.90 36.22
C THR A 187 -19.50 -1.80 36.26
N ARG A 188 -19.39 -1.12 37.40
CA ARG A 188 -18.39 -0.06 37.53
C ARG A 188 -16.98 -0.62 37.37
N ALA A 189 -16.69 -1.76 37.99
CA ALA A 189 -15.37 -2.36 37.89
C ALA A 189 -15.05 -2.77 36.45
N LYS A 190 -15.99 -3.45 35.79
CA LYS A 190 -15.73 -3.91 34.43
C LYS A 190 -15.59 -2.75 33.46
N TYR A 191 -16.39 -1.69 33.64
CA TYR A 191 -16.28 -0.55 32.75
C TYR A 191 -15.02 0.27 33.04
N PHE A 192 -14.56 0.29 34.30
CA PHE A 192 -13.26 0.89 34.59
C PHE A 192 -12.14 0.13 33.91
N ILE A 193 -12.21 -1.20 33.94
CA ILE A 193 -11.21 -2.02 33.26
C ILE A 193 -11.24 -1.75 31.76
N ARG A 194 -12.44 -1.66 31.18
CA ARG A 194 -12.56 -1.37 29.75
C ARG A 194 -12.00 0.01 29.42
N ASP A 195 -12.33 1.01 30.23
CA ASP A 195 -11.89 2.38 29.95
C ASP A 195 -10.39 2.55 30.16
N GLU A 196 -9.77 1.76 31.03
CA GLU A 196 -8.33 1.87 31.21
C GLU A 196 -7.59 1.40 29.97
N PHE A 197 -8.14 0.40 29.26
CA PHE A 197 -7.61 0.03 27.95
C PHE A 197 -7.97 1.06 26.89
N LEU A 198 -9.20 1.59 26.94
CA LEU A 198 -9.66 2.52 25.91
C LEU A 198 -8.86 3.82 25.92
N ARG A 199 -8.47 4.32 27.11
CA ARG A 199 -7.69 5.55 27.17
C ARG A 199 -6.32 5.36 26.52
N ILE A 200 -5.76 4.15 26.63
CA ILE A 200 -4.55 3.83 25.87
C ILE A 200 -4.88 3.76 24.38
N SER A 201 -6.04 3.21 24.04
CA SER A 201 -6.45 3.10 22.64
C SER A 201 -6.66 4.46 21.99
N THR A 202 -7.19 5.44 22.73
CA THR A 202 -7.45 6.77 22.19
C THR A 202 -6.21 7.66 22.16
N ALA A 203 -5.08 7.19 22.66
CA ALA A 203 -3.84 7.96 22.63
C ALA A 203 -3.08 7.65 21.35
N SER A 204 -2.86 8.68 20.53
CA SER A 204 -2.13 8.54 19.26
C SER A 204 -2.79 7.54 18.32
N GLY A 205 -4.11 7.37 18.45
CA GLY A 205 -4.83 6.50 17.56
C GLY A 205 -4.86 7.00 16.13
N ASP A 206 -5.13 8.29 15.94
CA ASP A 206 -5.14 8.98 14.65
C ASP A 206 -6.20 8.44 13.70
N GLY A 207 -7.06 7.52 14.16
CA GLY A 207 -8.11 6.99 13.32
C GLY A 207 -7.63 5.91 12.37
N ARG A 208 -6.33 5.61 12.40
CA ARG A 208 -5.78 4.58 11.52
C ARG A 208 -6.21 3.19 11.95
N HIS A 209 -6.35 2.97 13.26
CA HIS A 209 -6.82 1.69 13.78
C HIS A 209 -7.61 1.95 15.05
N TYR A 210 -8.56 1.05 15.32
CA TYR A 210 -9.50 1.22 16.42
C TYR A 210 -9.52 -0.04 17.29
N CYS A 211 -9.90 0.15 18.54
CA CYS A 211 -10.02 -0.94 19.50
C CYS A 211 -11.49 -1.26 19.73
N TYR A 212 -11.82 -2.55 19.71
CA TYR A 212 -13.19 -3.00 19.90
C TYR A 212 -13.28 -3.83 21.17
N PRO A 213 -13.62 -3.25 22.31
CA PRO A 213 -13.66 -4.03 23.55
C PRO A 213 -14.91 -4.88 23.66
N HIS A 214 -14.78 -6.02 24.33
CA HIS A 214 -15.89 -6.94 24.55
C HIS A 214 -15.71 -7.63 25.89
N PHE A 215 -16.81 -8.12 26.44
CA PHE A 215 -16.82 -8.81 27.72
C PHE A 215 -17.23 -10.27 27.52
N THR A 216 -16.45 -11.18 28.09
CA THR A 216 -16.73 -12.60 27.99
C THR A 216 -16.90 -13.22 29.36
N ASN A 223 -16.86 -13.33 21.80
CA ASN A 223 -17.57 -14.37 21.07
C ASN A 223 -17.14 -14.39 19.60
N ILE A 224 -17.37 -15.52 18.94
CA ILE A 224 -16.99 -15.66 17.54
C ILE A 224 -17.80 -14.70 16.66
N ARG A 225 -19.10 -14.57 16.93
CA ARG A 225 -19.93 -13.63 16.19
C ARG A 225 -19.43 -12.20 16.38
N ARG A 226 -19.01 -11.86 17.59
CA ARG A 226 -18.43 -10.54 17.84
C ARG A 226 -17.13 -10.34 17.06
N VAL A 227 -16.30 -11.39 16.97
CA VAL A 227 -15.09 -11.30 16.16
C VAL A 227 -15.44 -11.03 14.70
N PHE A 228 -16.43 -11.75 14.17
CA PHE A 228 -16.84 -11.53 12.79
C PHE A 228 -17.37 -10.12 12.57
N ASN A 229 -18.18 -9.62 13.51
CA ASN A 229 -18.73 -8.27 13.39
C ASN A 229 -17.61 -7.23 13.43
N ASP A 230 -16.65 -7.38 14.35
CA ASP A 230 -15.55 -6.44 14.43
C ASP A 230 -14.67 -6.49 13.19
N CYS A 231 -14.41 -7.68 12.64
CA CYS A 231 -13.65 -7.77 11.40
C CYS A 231 -14.38 -7.11 10.24
N ARG A 232 -15.69 -7.31 10.16
CA ARG A 232 -16.47 -6.63 9.11
C ARG A 232 -16.41 -5.12 9.27
N ASP A 233 -16.50 -4.63 10.51
CA ASP A 233 -16.40 -3.19 10.75
C ASP A 233 -15.03 -2.67 10.36
N ILE A 234 -13.97 -3.41 10.67
CA ILE A 234 -12.62 -2.99 10.30
C ILE A 234 -12.47 -2.94 8.79
N ILE A 235 -12.98 -3.95 8.09
CA ILE A 235 -12.90 -3.99 6.63
C ILE A 235 -13.67 -2.82 6.03
N GLN A 236 -14.87 -2.55 6.56
CA GLN A 236 -15.66 -1.43 6.06
C GLN A 236 -14.95 -0.10 6.28
N ARG A 237 -14.36 0.08 7.46
CA ARG A 237 -13.63 1.32 7.73
C ARG A 237 -12.43 1.47 6.82
N MET A 238 -11.69 0.38 6.56
CA MET A 238 -10.54 0.45 5.66
C MET A 238 -10.99 0.80 4.24
N HIS A 239 -12.09 0.19 3.78
CA HIS A 239 -12.59 0.50 2.44
C HIS A 239 -13.05 1.96 2.34
N LEU A 240 -13.72 2.45 3.39
CA LEU A 240 -14.14 3.85 3.40
C LEU A 240 -12.93 4.79 3.40
N ARG A 241 -11.88 4.43 4.15
CA ARG A 241 -10.67 5.23 4.16
C ARG A 241 -9.98 5.23 2.79
N GLN A 242 -10.07 4.12 2.05
CA GLN A 242 -9.58 4.10 0.69
C GLN A 242 -10.35 5.09 -0.19
N TYR A 243 -11.65 5.23 0.05
CA TYR A 243 -12.47 6.20 -0.68
C TYR A 243 -12.49 7.56 -0.02
N GLU A 244 -11.72 7.75 1.05
CA GLU A 244 -11.61 9.03 1.75
C GLU A 244 -12.94 9.50 2.32
N LEU A 245 -13.78 8.55 2.72
CA LEU A 245 -15.06 8.87 3.34
C LEU A 245 -14.99 8.90 4.87
N LEU A 246 -13.82 8.62 5.45
CA LEU A 246 -13.65 8.70 6.90
C LEU A 246 -12.46 9.58 7.25
N GLU B 8 28.74 -17.08 44.71
CA GLU B 8 29.72 -16.30 43.97
C GLU B 8 29.11 -15.67 42.74
N LEU B 9 28.42 -14.54 42.94
CA LEU B 9 27.76 -13.85 41.83
C LEU B 9 28.32 -12.44 41.66
N ASP B 10 28.41 -11.70 42.77
CA ASP B 10 28.86 -10.31 42.69
C ASP B 10 30.32 -10.21 42.27
N GLN B 11 31.21 -10.94 42.94
CA GLN B 11 32.62 -10.93 42.57
C GLN B 11 32.89 -11.59 41.22
N LEU B 12 32.11 -12.59 40.85
CA LEU B 12 32.17 -13.14 39.49
C LEU B 12 31.76 -12.11 38.45
N ARG B 13 30.70 -11.33 38.73
CA ARG B 13 30.31 -10.25 37.82
C ARG B 13 31.42 -9.21 37.71
N GLN B 14 32.06 -8.89 38.85
CA GLN B 14 33.18 -7.95 38.83
C GLN B 14 34.35 -8.50 38.00
N GLU B 15 34.64 -9.79 38.12
CA GLU B 15 35.69 -10.40 37.31
C GLU B 15 35.35 -10.34 35.83
N ALA B 16 34.09 -10.61 35.48
CA ALA B 16 33.67 -10.51 34.08
C ALA B 16 33.82 -9.08 33.57
N GLU B 17 33.44 -8.10 34.37
CA GLU B 17 33.60 -6.70 33.99
C GLU B 17 35.07 -6.35 33.81
N GLN B 18 35.92 -6.86 34.71
CA GLN B 18 37.35 -6.59 34.59
C GLN B 18 37.95 -7.18 33.33
N LEU B 19 37.56 -8.41 32.97
CA LEU B 19 38.09 -8.96 31.72
C LEU B 19 37.50 -8.26 30.51
N LYS B 20 36.25 -7.79 30.58
CA LYS B 20 35.72 -6.96 29.50
C LYS B 20 36.54 -5.69 29.34
N ASN B 21 36.93 -5.07 30.45
CA ASN B 21 37.79 -3.90 30.38
C ASN B 21 39.16 -4.24 29.79
N GLN B 22 39.70 -5.40 30.16
CA GLN B 22 40.98 -5.82 29.60
C GLN B 22 40.89 -6.06 28.10
N ILE B 23 39.79 -6.67 27.64
CA ILE B 23 39.59 -6.87 26.21
C ILE B 23 39.43 -5.54 25.50
N ARG B 24 38.74 -4.59 26.12
CA ARG B 24 38.62 -3.26 25.54
C ARG B 24 39.99 -2.59 25.42
N ASP B 25 40.83 -2.73 26.45
CA ASP B 25 42.17 -2.17 26.38
C ASP B 25 42.99 -2.82 25.28
N ALA B 26 42.90 -4.15 25.15
CA ALA B 26 43.61 -4.84 24.09
C ALA B 26 43.15 -4.40 22.71
N ARG B 27 41.84 -4.23 22.52
CA ARG B 27 41.31 -3.75 21.26
C ARG B 27 41.76 -2.32 20.96
N LYS B 28 41.75 -1.45 21.98
CA LYS B 28 42.22 -0.09 21.80
C LYS B 28 43.71 -0.02 21.52
N ALA B 29 44.49 -0.99 22.00
CA ALA B 29 45.90 -1.05 21.67
C ALA B 29 46.17 -1.23 20.19
N CYS B 30 45.18 -1.70 19.42
CA CYS B 30 45.28 -1.81 17.98
C CYS B 30 44.61 -0.67 17.23
N ALA B 31 43.73 0.08 17.91
CA ALA B 31 43.03 1.21 17.29
C ALA B 31 43.80 2.51 17.37
N ASP B 32 45.07 2.51 16.94
CA ASP B 32 45.82 3.75 16.89
C ASP B 32 45.40 4.62 15.71
N ALA B 33 45.02 4.00 14.60
CA ALA B 33 44.54 4.72 13.42
C ALA B 33 43.23 4.08 12.97
N THR B 34 42.25 4.94 12.68
CA THR B 34 40.94 4.48 12.25
C THR B 34 40.92 4.20 10.76
N LEU B 35 39.89 3.48 10.32
CA LEU B 35 39.74 3.18 8.91
C LEU B 35 39.51 4.44 8.09
N SER B 36 38.74 5.39 8.64
CA SER B 36 38.43 6.61 7.90
C SER B 36 39.68 7.42 7.61
N GLN B 37 40.59 7.51 8.58
CA GLN B 37 41.81 8.30 8.40
C GLN B 37 42.70 7.71 7.30
N ILE B 38 42.86 6.38 7.30
CA ILE B 38 43.72 5.74 6.31
C ILE B 38 43.05 5.68 4.94
N THR B 39 41.72 5.69 4.89
CA THR B 39 40.99 5.64 3.64
C THR B 39 40.56 7.02 3.13
N ASN B 40 41.05 8.09 3.74
CA ASN B 40 40.69 9.43 3.28
C ASN B 40 41.28 9.73 1.90
N ASN B 41 42.39 9.08 1.55
CA ASN B 41 43.07 9.35 0.29
C ASN B 41 42.39 8.69 -0.91
N ILE B 42 41.36 7.88 -0.67
CA ILE B 42 40.67 7.17 -1.75
C ILE B 42 39.93 8.16 -2.63
N ASP B 43 40.01 7.95 -3.94
CA ASP B 43 39.10 8.63 -4.84
C ASP B 43 37.70 8.03 -4.67
N PRO B 44 36.71 8.83 -4.31
CA PRO B 44 35.37 8.28 -4.07
C PRO B 44 34.74 7.77 -5.35
N VAL B 45 33.90 6.74 -5.21
CA VAL B 45 33.20 6.18 -6.35
C VAL B 45 32.20 7.16 -6.93
N GLY B 46 31.55 7.96 -6.09
CA GLY B 46 30.60 8.95 -6.57
C GLY B 46 29.16 8.48 -6.51
N ARG B 47 28.31 9.21 -7.21
CA ARG B 47 26.88 8.92 -7.25
C ARG B 47 26.63 7.73 -8.17
N ILE B 48 26.17 6.61 -7.60
CA ILE B 48 26.03 5.35 -8.33
C ILE B 48 24.56 5.20 -8.69
N GLN B 49 24.28 5.28 -9.99
CA GLN B 49 22.91 5.10 -10.46
C GLN B 49 22.58 3.61 -10.58
N MET B 50 21.34 3.26 -10.24
CA MET B 50 20.84 1.91 -10.40
C MET B 50 19.36 1.99 -10.77
N ARG B 51 18.96 1.17 -11.74
CA ARG B 51 17.61 1.18 -12.26
C ARG B 51 16.98 -0.20 -12.11
N THR B 52 15.66 -0.22 -11.91
CA THR B 52 14.93 -1.48 -11.75
C THR B 52 14.80 -2.19 -13.08
N ARG B 53 15.72 -3.12 -13.36
CA ARG B 53 15.67 -3.86 -14.61
C ARG B 53 14.45 -4.75 -14.69
N ARG B 54 14.18 -5.51 -13.63
CA ARG B 54 13.03 -6.41 -13.56
C ARG B 54 12.31 -6.20 -12.24
N THR B 55 10.98 -6.23 -12.28
CA THR B 55 10.15 -6.19 -11.10
C THR B 55 9.43 -7.52 -10.97
N LEU B 56 9.88 -8.36 -10.05
CA LEU B 56 9.32 -9.69 -9.86
C LEU B 56 8.00 -9.58 -9.11
N ARG B 57 6.90 -9.86 -9.79
CA ARG B 57 5.57 -9.74 -9.21
C ARG B 57 4.90 -11.11 -9.20
N GLY B 58 4.03 -11.33 -8.22
CA GLY B 58 3.35 -12.60 -8.09
C GLY B 58 3.14 -13.02 -6.65
N HIS B 59 3.94 -12.45 -5.74
CA HIS B 59 3.76 -12.73 -4.32
C HIS B 59 2.48 -12.07 -3.81
N LEU B 60 1.79 -12.76 -2.91
CA LEU B 60 0.50 -12.29 -2.41
C LEU B 60 0.64 -11.44 -1.15
N ALA B 61 1.53 -11.84 -0.25
CA ALA B 61 1.78 -11.11 1.00
C ALA B 61 3.17 -10.49 0.95
N LYS B 62 3.58 -9.92 2.08
CA LYS B 62 4.88 -9.27 2.17
C LYS B 62 6.01 -10.28 1.98
N ILE B 63 7.13 -9.79 1.46
CA ILE B 63 8.30 -10.63 1.24
C ILE B 63 9.33 -10.33 2.32
N TYR B 64 9.77 -11.37 3.03
CA TYR B 64 10.65 -11.18 4.17
C TYR B 64 12.06 -11.74 3.96
N ALA B 65 12.23 -12.69 3.04
CA ALA B 65 13.53 -13.30 2.83
C ALA B 65 13.74 -13.58 1.34
N MET B 66 15.01 -13.61 0.94
CA MET B 66 15.39 -13.91 -0.44
C MET B 66 16.83 -14.40 -0.44
N HIS B 67 17.16 -15.25 -1.41
CA HIS B 67 18.52 -15.77 -1.55
C HIS B 67 18.85 -15.95 -3.02
N TRP B 68 20.02 -15.48 -3.43
CA TRP B 68 20.49 -15.64 -4.80
C TRP B 68 21.14 -17.00 -5.01
N GLY B 69 21.10 -17.47 -6.25
CA GLY B 69 21.80 -18.68 -6.61
C GLY B 69 23.26 -18.43 -6.96
N THR B 70 24.03 -19.51 -6.98
CA THR B 70 25.44 -19.42 -7.32
C THR B 70 25.67 -19.15 -8.80
N ASP B 71 24.69 -19.41 -9.66
CA ASP B 71 24.81 -19.11 -11.07
C ASP B 71 24.29 -17.73 -11.43
N SER B 72 23.84 -16.95 -10.45
CA SER B 72 23.32 -15.60 -10.64
C SER B 72 22.14 -15.56 -11.59
N ARG B 73 21.41 -16.67 -11.70
CA ARG B 73 20.24 -16.77 -12.57
C ARG B 73 18.96 -17.03 -11.79
N LEU B 74 18.97 -18.03 -10.90
CA LEU B 74 17.78 -18.35 -10.13
C LEU B 74 17.89 -17.80 -8.72
N LEU B 75 16.79 -17.21 -8.25
CA LEU B 75 16.69 -16.72 -6.88
C LEU B 75 15.38 -17.21 -6.29
N VAL B 76 15.38 -17.46 -4.99
CA VAL B 76 14.19 -17.90 -4.27
C VAL B 76 13.74 -16.79 -3.33
N SER B 77 12.43 -16.66 -3.16
CA SER B 77 11.87 -15.66 -2.27
C SER B 77 10.80 -16.30 -1.40
N ALA B 78 10.66 -15.79 -0.19
CA ALA B 78 9.69 -16.30 0.78
C ALA B 78 8.71 -15.19 1.14
N SER B 79 7.43 -15.55 1.25
CA SER B 79 6.38 -14.61 1.58
C SER B 79 5.48 -15.21 2.64
N GLN B 80 4.91 -14.34 3.48
CA GLN B 80 4.05 -14.78 4.57
C GLN B 80 2.71 -15.33 4.08
N ASP B 81 2.41 -15.24 2.79
CA ASP B 81 1.23 -15.87 2.23
C ASP B 81 1.33 -17.40 2.17
N GLY B 82 2.52 -17.95 2.43
CA GLY B 82 2.70 -19.39 2.35
C GLY B 82 3.28 -19.87 1.05
N LYS B 83 4.17 -19.09 0.44
CA LYS B 83 4.78 -19.45 -0.84
C LYS B 83 6.29 -19.30 -0.77
N LEU B 84 6.99 -20.20 -1.46
CA LEU B 84 8.43 -20.16 -1.64
C LEU B 84 8.68 -20.19 -3.14
N ILE B 85 8.67 -19.01 -3.76
CA ILE B 85 8.71 -18.91 -5.21
C ILE B 85 10.14 -18.78 -5.68
N ILE B 86 10.51 -19.58 -6.68
CA ILE B 86 11.82 -19.50 -7.31
C ILE B 86 11.67 -18.71 -8.61
N TRP B 87 12.51 -17.69 -8.78
CA TRP B 87 12.39 -16.75 -9.88
C TRP B 87 13.56 -16.90 -10.84
N ASP B 88 13.28 -16.87 -12.13
CA ASP B 88 14.32 -16.75 -13.15
C ASP B 88 14.54 -15.26 -13.41
N SER B 89 15.71 -14.77 -13.03
CA SER B 89 15.98 -13.34 -13.04
C SER B 89 16.07 -12.75 -14.43
N TYR B 90 16.60 -13.49 -15.41
CA TYR B 90 16.83 -12.92 -16.73
C TYR B 90 15.52 -12.68 -17.47
N THR B 91 14.57 -13.59 -17.34
CA THR B 91 13.33 -13.53 -18.10
C THR B 91 12.09 -13.24 -17.26
N THR B 92 12.24 -13.11 -15.94
CA THR B 92 11.18 -12.79 -14.98
C THR B 92 10.17 -13.93 -14.84
N ASN B 93 10.30 -14.99 -15.64
CA ASN B 93 9.36 -16.11 -15.57
C ASN B 93 9.66 -16.96 -14.33
N LYS B 94 8.61 -17.26 -13.56
CA LYS B 94 8.78 -18.10 -12.38
C LYS B 94 9.02 -19.54 -12.78
N VAL B 95 9.90 -20.22 -12.04
CA VAL B 95 10.22 -21.62 -12.29
C VAL B 95 9.45 -22.55 -11.35
N HIS B 96 9.42 -22.21 -10.06
CA HIS B 96 8.70 -23.01 -9.08
C HIS B 96 7.95 -22.09 -8.13
N ALA B 97 6.78 -22.56 -7.69
CA ALA B 97 5.97 -21.87 -6.68
C ALA B 97 5.63 -22.91 -5.61
N ILE B 98 6.52 -23.05 -4.64
CA ILE B 98 6.41 -24.10 -3.63
C ILE B 98 5.40 -23.67 -2.55
N PRO B 99 4.34 -24.44 -2.34
CA PRO B 99 3.44 -24.16 -1.22
C PRO B 99 4.10 -24.51 0.10
N LEU B 100 3.78 -23.74 1.13
CA LEU B 100 4.37 -23.91 2.45
C LEU B 100 3.32 -24.34 3.47
N ARG B 101 3.66 -25.36 4.25
CA ARG B 101 2.78 -25.82 5.31
C ARG B 101 2.61 -24.81 6.44
N SER B 102 3.55 -23.88 6.57
CA SER B 102 3.47 -22.81 7.55
C SER B 102 3.41 -21.47 6.84
N SER B 103 2.39 -20.67 7.17
CA SER B 103 2.20 -19.40 6.49
C SER B 103 3.32 -18.41 6.84
N TRP B 104 3.70 -18.35 8.11
CA TRP B 104 4.66 -17.35 8.58
C TRP B 104 6.11 -17.76 8.35
N VAL B 105 6.52 -17.90 7.10
CA VAL B 105 7.93 -18.20 6.81
C VAL B 105 8.75 -16.94 7.03
N MET B 106 9.91 -17.11 7.66
CA MET B 106 10.80 -15.99 7.95
C MET B 106 12.21 -16.17 7.41
N THR B 107 12.51 -17.26 6.72
CA THR B 107 13.83 -17.47 6.14
C THR B 107 13.72 -18.34 4.91
N CYS B 108 14.71 -18.22 4.03
CA CYS B 108 14.80 -19.08 2.86
C CYS B 108 16.26 -19.18 2.44
N ALA B 109 16.65 -20.36 1.99
CA ALA B 109 18.02 -20.62 1.56
C ALA B 109 18.01 -21.43 0.29
N TYR B 110 18.98 -21.16 -0.57
CA TYR B 110 19.12 -21.85 -1.85
C TYR B 110 20.45 -22.58 -1.85
N ALA B 111 20.42 -23.87 -2.18
CA ALA B 111 21.62 -24.68 -2.12
C ALA B 111 22.66 -24.18 -3.12
N PRO B 112 23.95 -24.26 -2.79
CA PRO B 112 24.98 -23.82 -3.74
C PRO B 112 24.96 -24.58 -5.06
N SER B 113 24.64 -25.87 -5.04
CA SER B 113 24.49 -26.61 -6.29
C SER B 113 23.11 -26.41 -6.91
N GLY B 114 22.18 -25.83 -6.14
CA GLY B 114 20.84 -25.59 -6.63
C GLY B 114 19.89 -26.77 -6.54
N ASN B 115 20.33 -27.90 -5.99
CA ASN B 115 19.48 -29.08 -5.93
C ASN B 115 18.43 -28.98 -4.83
N TYR B 116 18.62 -28.09 -3.86
CA TYR B 116 17.75 -28.02 -2.70
C TYR B 116 17.40 -26.58 -2.38
N VAL B 117 16.27 -26.40 -1.69
CA VAL B 117 15.82 -25.10 -1.21
C VAL B 117 15.20 -25.31 0.17
N ALA B 118 15.34 -24.30 1.02
CA ALA B 118 14.90 -24.39 2.41
C ALA B 118 14.07 -23.17 2.79
N CYS B 119 13.27 -23.33 3.83
CA CYS B 119 12.48 -22.23 4.39
C CYS B 119 12.17 -22.55 5.84
N GLY B 120 11.77 -21.51 6.58
CA GLY B 120 11.42 -21.67 7.97
C GLY B 120 10.88 -20.39 8.55
N GLY B 121 10.30 -20.50 9.75
CA GLY B 121 9.70 -19.37 10.40
C GLY B 121 9.17 -19.68 11.80
N LEU B 122 7.96 -19.22 12.09
CA LEU B 122 7.37 -19.42 13.41
C LEU B 122 7.08 -20.90 13.70
N ASP B 123 7.03 -21.74 12.67
CA ASP B 123 6.72 -23.15 12.88
C ASP B 123 7.80 -23.90 13.64
N ASN B 124 9.03 -23.37 13.68
CA ASN B 124 10.20 -23.99 14.30
C ASN B 124 10.74 -25.14 13.47
N ILE B 125 10.09 -25.46 12.36
CA ILE B 125 10.64 -26.44 11.42
C ILE B 125 11.30 -25.72 10.25
N CYS B 126 12.55 -26.05 10.00
CA CYS B 126 13.27 -25.58 8.82
C CYS B 126 13.06 -26.60 7.70
N SER B 127 12.04 -26.37 6.87
CA SER B 127 11.64 -27.31 5.83
C SER B 127 12.56 -27.14 4.62
N ILE B 128 13.16 -28.25 4.19
CA ILE B 128 14.06 -28.27 3.04
C ILE B 128 13.36 -29.03 1.92
N TYR B 129 13.21 -28.38 0.77
CA TYR B 129 12.49 -28.94 -0.36
C TYR B 129 13.47 -29.30 -1.47
N ASN B 130 13.36 -30.52 -1.98
CA ASN B 130 14.23 -30.98 -3.06
C ASN B 130 13.80 -30.38 -4.39
N LEU B 131 14.77 -30.01 -5.21
CA LEU B 131 14.52 -29.48 -6.54
C LEU B 131 14.93 -30.42 -7.67
N LYS B 132 15.64 -31.51 -7.36
CA LYS B 132 16.00 -32.47 -8.41
C LYS B 132 14.75 -33.10 -9.02
N THR B 133 13.78 -33.47 -8.18
CA THR B 133 12.49 -33.99 -8.61
C THR B 133 12.63 -35.16 -9.57
N ARG B 134 13.18 -36.28 -9.08
CA ARG B 134 13.42 -37.43 -9.94
C ARG B 134 12.12 -37.98 -10.53
N GLU B 135 11.05 -38.06 -9.73
CA GLU B 135 9.80 -38.66 -10.17
C GLU B 135 8.73 -37.62 -10.47
N GLY B 136 8.42 -36.75 -9.51
CA GLY B 136 7.35 -35.78 -9.71
C GLY B 136 7.80 -34.33 -9.61
N ASN B 137 7.04 -33.52 -8.89
CA ASN B 137 7.34 -32.12 -8.68
C ASN B 137 8.18 -31.95 -7.42
N VAL B 138 8.31 -30.71 -6.95
CA VAL B 138 9.07 -30.42 -5.74
C VAL B 138 8.41 -31.12 -4.56
N ARG B 139 9.24 -31.66 -3.66
CA ARG B 139 8.76 -32.37 -2.48
C ARG B 139 9.54 -31.91 -1.26
N VAL B 140 8.90 -32.02 -0.10
CA VAL B 140 9.55 -31.68 1.16
C VAL B 140 10.50 -32.82 1.51
N SER B 141 11.79 -32.64 1.21
CA SER B 141 12.77 -33.72 1.41
C SER B 141 12.96 -34.02 2.89
N ARG B 142 13.22 -32.99 3.71
CA ARG B 142 13.47 -33.18 5.12
C ARG B 142 12.90 -32.00 5.90
N GLU B 143 12.49 -32.28 7.13
CA GLU B 143 11.99 -31.27 8.06
C GLU B 143 12.90 -31.23 9.27
N LEU B 144 13.43 -30.04 9.57
CA LEU B 144 14.41 -29.88 10.65
C LEU B 144 13.72 -29.26 11.86
N ALA B 145 13.22 -30.13 12.73
CA ALA B 145 12.62 -29.70 13.98
C ALA B 145 13.64 -29.76 15.11
N GLY B 146 13.41 -28.97 16.15
CA GLY B 146 14.30 -28.97 17.29
C GLY B 146 14.50 -27.59 17.91
N HIS B 147 14.10 -26.54 17.19
CA HIS B 147 14.22 -25.19 17.72
C HIS B 147 12.97 -24.81 18.49
N THR B 148 13.15 -23.95 19.49
CA THR B 148 12.06 -23.49 20.35
C THR B 148 11.86 -22.00 20.23
N GLY B 149 12.39 -21.41 19.16
CA GLY B 149 12.23 -19.98 18.93
C GLY B 149 11.45 -19.69 17.67
N TYR B 150 12.13 -19.21 16.64
CA TYR B 150 11.54 -19.00 15.33
C TYR B 150 12.66 -18.89 14.31
N LEU B 151 12.53 -19.67 13.23
CA LEU B 151 13.57 -19.73 12.20
C LEU B 151 13.70 -18.37 11.52
N SER B 152 14.81 -17.68 11.80
CA SER B 152 15.03 -16.35 11.26
C SER B 152 15.98 -16.32 10.07
N CYS B 153 17.00 -17.18 10.06
CA CYS B 153 17.95 -17.20 8.95
C CYS B 153 18.53 -18.59 8.81
N CYS B 154 18.87 -18.96 7.57
CA CYS B 154 19.49 -20.24 7.27
C CYS B 154 20.24 -20.12 5.95
N ARG B 155 21.41 -20.77 5.89
CA ARG B 155 22.23 -20.76 4.68
C ARG B 155 22.87 -22.12 4.51
N PHE B 156 22.86 -22.64 3.29
CA PHE B 156 23.44 -23.94 3.01
C PHE B 156 24.96 -23.84 2.89
N LEU B 157 25.67 -24.67 3.66
CA LEU B 157 27.08 -24.90 3.38
C LEU B 157 27.25 -25.81 2.17
N ASP B 158 26.40 -26.83 2.06
CA ASP B 158 26.38 -27.73 0.91
C ASP B 158 25.03 -28.44 0.89
N ASP B 159 24.94 -29.45 0.04
CA ASP B 159 23.70 -30.23 -0.05
C ASP B 159 23.50 -31.11 1.18
N ASN B 160 24.53 -31.27 2.00
CA ASN B 160 24.48 -32.19 3.12
C ASN B 160 24.19 -31.50 4.45
N GLN B 161 24.77 -30.33 4.70
CA GLN B 161 24.64 -29.67 5.99
C GLN B 161 24.20 -28.24 5.81
N ILE B 162 23.47 -27.72 6.81
CA ILE B 162 22.96 -26.36 6.80
C ILE B 162 23.07 -25.78 8.21
N VAL B 163 23.20 -24.47 8.30
CA VAL B 163 23.22 -23.75 9.57
C VAL B 163 21.99 -22.87 9.66
N THR B 164 21.23 -23.01 10.74
CA THR B 164 19.98 -22.30 10.91
C THR B 164 19.99 -21.52 12.22
N SER B 165 19.41 -20.32 12.18
CA SER B 165 19.25 -19.46 13.36
C SER B 165 17.80 -19.46 13.80
N SER B 166 17.59 -19.25 15.09
CA SER B 166 16.25 -19.31 15.66
C SER B 166 16.13 -18.35 16.82
N GLY B 167 14.89 -18.14 17.28
CA GLY B 167 14.62 -17.22 18.36
C GLY B 167 14.92 -17.77 19.73
N ASP B 168 15.36 -19.01 19.83
CA ASP B 168 15.76 -19.59 21.11
C ASP B 168 17.17 -19.17 21.53
N THR B 169 17.70 -18.11 20.92
CA THR B 169 19.04 -17.57 21.19
C THR B 169 20.14 -18.55 20.87
N THR B 170 19.85 -19.60 20.10
CA THR B 170 20.84 -20.58 19.71
C THR B 170 20.78 -20.83 18.21
N CYS B 171 21.95 -21.09 17.62
CA CYS B 171 22.06 -21.52 16.24
C CYS B 171 22.45 -22.99 16.21
N ALA B 172 22.06 -23.67 15.12
CA ALA B 172 22.23 -25.11 15.03
C ALA B 172 22.74 -25.50 13.65
N LEU B 173 23.67 -26.44 13.61
CA LEU B 173 24.11 -27.07 12.38
C LEU B 173 23.44 -28.43 12.22
N TRP B 174 22.78 -28.63 11.09
CA TRP B 174 21.98 -29.81 10.84
C TRP B 174 22.60 -30.67 9.76
N ASP B 175 22.49 -31.99 9.92
CA ASP B 175 22.80 -32.93 8.87
C ASP B 175 21.51 -33.31 8.17
N ILE B 176 21.38 -32.95 6.90
CA ILE B 176 20.11 -33.11 6.20
C ILE B 176 19.75 -34.59 6.05
N GLU B 177 20.74 -35.44 5.83
CA GLU B 177 20.47 -36.86 5.61
C GLU B 177 19.82 -37.50 6.84
N THR B 178 20.32 -37.17 8.03
CA THR B 178 19.76 -37.73 9.26
C THR B 178 18.71 -36.82 9.91
N GLY B 179 18.73 -35.53 9.60
CA GLY B 179 17.78 -34.61 10.18
C GLY B 179 18.06 -34.22 11.62
N GLN B 180 19.23 -34.56 12.15
CA GLN B 180 19.58 -34.27 13.53
C GLN B 180 20.65 -33.18 13.60
N GLN B 181 20.67 -32.46 14.71
CA GLN B 181 21.65 -31.40 14.89
C GLN B 181 23.05 -31.98 15.02
N THR B 182 24.01 -31.37 14.32
CA THR B 182 25.41 -31.75 14.46
C THR B 182 26.11 -31.01 15.59
N THR B 183 25.90 -29.69 15.68
CA THR B 183 26.44 -28.90 16.78
C THR B 183 25.49 -27.74 17.03
N THR B 184 25.58 -27.18 18.24
CA THR B 184 24.69 -26.11 18.67
C THR B 184 25.53 -24.93 19.12
N PHE B 185 25.07 -23.72 18.76
CA PHE B 185 25.76 -22.47 19.08
C PHE B 185 24.89 -21.71 20.08
N THR B 186 25.13 -21.95 21.37
CA THR B 186 24.29 -21.43 22.43
C THR B 186 24.83 -20.16 23.08
N GLY B 187 25.87 -19.56 22.53
CA GLY B 187 26.48 -18.38 23.15
C GLY B 187 25.58 -17.16 23.18
N HIS B 188 24.75 -16.97 22.16
CA HIS B 188 23.92 -15.78 22.09
C HIS B 188 22.86 -15.77 23.19
N THR B 189 22.53 -14.57 23.66
CA THR B 189 21.51 -14.39 24.69
C THR B 189 20.21 -13.78 24.16
N GLY B 190 20.23 -13.15 22.99
CA GLY B 190 19.05 -12.59 22.39
C GLY B 190 18.61 -13.36 21.15
N ASP B 191 17.48 -12.92 20.59
CA ASP B 191 16.94 -13.54 19.39
C ASP B 191 17.90 -13.36 18.23
N VAL B 192 18.42 -14.47 17.71
CA VAL B 192 19.33 -14.41 16.57
C VAL B 192 18.51 -14.21 15.31
N MET B 193 18.81 -13.13 14.57
CA MET B 193 18.01 -12.73 13.43
C MET B 193 18.65 -13.00 12.07
N SER B 194 19.96 -13.06 11.98
CA SER B 194 20.62 -13.26 10.69
C SER B 194 21.95 -13.96 10.89
N LEU B 195 22.32 -14.77 9.90
CA LEU B 195 23.60 -15.45 9.86
C LEU B 195 24.15 -15.39 8.44
N SER B 196 25.48 -15.35 8.33
CA SER B 196 26.16 -15.30 7.04
C SER B 196 27.33 -16.27 7.07
N LEU B 197 27.45 -17.08 6.02
CA LEU B 197 28.59 -17.98 5.90
C LEU B 197 29.76 -17.30 5.20
N ALA B 198 30.97 -17.67 5.60
CA ALA B 198 32.16 -17.17 4.94
C ALA B 198 32.27 -17.76 3.53
N PRO B 199 33.00 -17.11 2.63
CA PRO B 199 33.18 -17.68 1.28
C PRO B 199 33.82 -19.06 1.30
N ASP B 200 34.63 -19.34 2.31
CA ASP B 200 35.26 -20.64 2.47
C ASP B 200 34.43 -21.62 3.31
N THR B 201 33.30 -21.18 3.86
CA THR B 201 32.39 -21.99 4.66
C THR B 201 33.03 -22.56 5.93
N ARG B 202 34.25 -22.13 6.25
CA ARG B 202 34.90 -22.57 7.48
C ARG B 202 34.36 -21.88 8.72
N LEU B 203 33.85 -20.66 8.58
CA LEU B 203 33.35 -19.88 9.70
C LEU B 203 32.06 -19.17 9.29
N PHE B 204 31.26 -18.83 10.29
CA PHE B 204 30.08 -17.99 10.05
C PHE B 204 29.84 -17.13 11.27
N VAL B 205 29.25 -15.95 11.02
CA VAL B 205 28.97 -14.97 12.06
C VAL B 205 27.47 -14.68 12.05
N SER B 206 26.89 -14.54 13.25
CA SER B 206 25.46 -14.35 13.39
C SER B 206 25.20 -13.16 14.32
N GLY B 207 24.25 -12.32 13.94
CA GLY B 207 23.81 -11.21 14.77
C GLY B 207 22.53 -11.55 15.48
N ALA B 208 22.44 -11.14 16.75
CA ALA B 208 21.31 -11.45 17.60
C ALA B 208 20.70 -10.17 18.15
N CYS B 209 19.61 -10.31 18.88
CA CYS B 209 18.93 -9.18 19.50
C CYS B 209 19.58 -8.72 20.79
N ASP B 210 20.81 -9.15 21.07
CA ASP B 210 21.55 -8.69 22.24
C ASP B 210 22.59 -7.63 21.88
N ALA B 211 22.47 -7.04 20.69
CA ALA B 211 23.39 -6.04 20.16
C ALA B 211 24.81 -6.58 20.03
N SER B 212 24.96 -7.90 19.94
CA SER B 212 26.27 -8.54 19.85
C SER B 212 26.31 -9.46 18.64
N ALA B 213 27.45 -9.46 17.95
CA ALA B 213 27.71 -10.35 16.84
C ALA B 213 28.78 -11.35 17.22
N LYS B 214 28.48 -12.64 17.07
CA LYS B 214 29.37 -13.72 17.47
C LYS B 214 29.80 -14.52 16.26
N LEU B 215 31.11 -14.77 16.16
CA LEU B 215 31.67 -15.57 15.09
C LEU B 215 31.78 -17.03 15.55
N TRP B 216 31.29 -17.94 14.73
CA TRP B 216 31.22 -19.35 15.08
C TRP B 216 31.99 -20.18 14.06
N ASP B 217 32.55 -21.30 14.52
CA ASP B 217 33.22 -22.26 13.66
C ASP B 217 32.32 -23.47 13.47
N VAL B 218 32.09 -23.83 12.21
CA VAL B 218 31.14 -24.91 11.91
C VAL B 218 31.64 -26.27 12.36
N ARG B 219 32.95 -26.49 12.39
CA ARG B 219 33.49 -27.79 12.77
C ARG B 219 33.48 -27.97 14.28
N GLU B 220 34.03 -27.01 15.02
CA GLU B 220 34.13 -27.13 16.46
C GLU B 220 32.85 -26.74 17.19
N GLY B 221 31.96 -25.98 16.55
CA GLY B 221 30.79 -25.48 17.22
C GLY B 221 31.08 -24.55 18.38
N MET B 222 32.21 -23.87 18.38
CA MET B 222 32.69 -23.08 19.51
C MET B 222 32.92 -21.63 19.08
N CYS B 223 32.48 -20.70 19.94
CA CYS B 223 32.56 -19.28 19.65
C CYS B 223 33.96 -18.77 19.94
N ARG B 224 34.62 -18.25 18.89
CA ARG B 224 35.99 -17.78 19.05
C ARG B 224 36.07 -16.27 19.21
N GLN B 225 35.12 -15.52 18.65
CA GLN B 225 35.15 -14.06 18.73
C GLN B 225 33.74 -13.54 18.97
N THR B 226 33.66 -12.37 19.62
CA THR B 226 32.41 -11.69 19.88
C THR B 226 32.58 -10.21 19.60
N PHE B 227 31.58 -9.60 18.97
CA PHE B 227 31.61 -8.18 18.62
C PHE B 227 30.38 -7.51 19.20
N THR B 228 30.59 -6.46 19.99
CA THR B 228 29.51 -5.74 20.67
C THR B 228 29.54 -4.25 20.35
N GLY B 229 29.72 -3.90 19.08
CA GLY B 229 29.82 -2.51 18.70
C GLY B 229 28.51 -1.78 18.47
N HIS B 230 27.39 -2.50 18.49
CA HIS B 230 26.10 -1.90 18.17
C HIS B 230 25.39 -1.40 19.43
N GLU B 231 24.46 -0.48 19.21
CA GLU B 231 23.63 0.08 20.27
C GLU B 231 22.21 -0.47 20.30
N SER B 232 21.89 -1.39 19.40
CA SER B 232 20.53 -1.94 19.32
C SER B 232 20.63 -3.34 18.73
N ASP B 233 19.48 -4.00 18.61
CA ASP B 233 19.43 -5.37 18.14
C ASP B 233 19.80 -5.49 16.66
N ILE B 234 20.69 -6.43 16.36
CA ILE B 234 21.19 -6.61 15.00
C ILE B 234 20.16 -7.41 14.19
N ASN B 235 19.79 -6.89 13.03
CA ASN B 235 18.80 -7.53 12.19
C ASN B 235 19.40 -8.22 10.96
N ALA B 236 20.59 -7.81 10.53
CA ALA B 236 21.20 -8.37 9.34
C ALA B 236 22.71 -8.41 9.52
N ILE B 237 23.35 -9.30 8.77
CA ILE B 237 24.80 -9.48 8.84
C ILE B 237 25.26 -10.17 7.57
N CYS B 238 26.47 -9.82 7.11
CA CYS B 238 27.00 -10.36 5.87
C CYS B 238 28.51 -10.19 5.86
N PHE B 239 29.23 -11.26 5.48
CA PHE B 239 30.68 -11.22 5.43
C PHE B 239 31.16 -10.34 4.28
N PHE B 240 32.28 -9.68 4.51
CA PHE B 240 33.00 -9.02 3.43
C PHE B 240 33.54 -10.07 2.46
N PRO B 241 33.59 -9.79 1.16
CA PRO B 241 33.96 -10.83 0.18
C PRO B 241 35.33 -11.46 0.41
N ASN B 242 36.23 -10.82 1.14
CA ASN B 242 37.53 -11.43 1.42
C ASN B 242 37.46 -12.49 2.50
N GLY B 243 36.36 -12.57 3.25
CA GLY B 243 36.23 -13.53 4.32
C GLY B 243 36.84 -13.13 5.63
N ASN B 244 37.46 -11.96 5.72
CA ASN B 244 38.10 -11.50 6.95
C ASN B 244 37.30 -10.41 7.66
N ALA B 245 36.20 -9.94 7.09
CA ALA B 245 35.40 -8.88 7.71
C ALA B 245 33.93 -9.13 7.40
N PHE B 246 33.08 -8.40 8.11
CA PHE B 246 31.64 -8.51 7.92
C PHE B 246 30.96 -7.24 8.38
N ALA B 247 29.92 -6.84 7.65
CA ALA B 247 29.10 -5.70 8.04
C ALA B 247 27.79 -6.18 8.66
N THR B 248 27.24 -5.35 9.54
CA THR B 248 26.04 -5.68 10.29
C THR B 248 25.04 -4.53 10.20
N GLY B 249 23.76 -4.87 10.39
CA GLY B 249 22.71 -3.88 10.40
C GLY B 249 21.79 -4.04 11.59
N SER B 250 21.48 -2.94 12.27
CA SER B 250 20.68 -2.98 13.48
C SER B 250 19.68 -1.84 13.48
N ASP B 251 18.75 -1.89 14.44
CA ASP B 251 17.65 -0.93 14.46
C ASP B 251 18.08 0.47 14.93
N ASP B 252 19.33 0.60 15.34
CA ASP B 252 19.81 1.90 15.78
C ASP B 252 20.24 2.79 14.61
N ALA B 253 19.72 2.48 13.43
CA ALA B 253 19.94 3.26 12.21
C ALA B 253 21.41 3.45 11.87
N THR B 254 22.27 2.54 12.31
CA THR B 254 23.69 2.61 12.01
C THR B 254 24.17 1.28 11.46
N CYS B 255 24.94 1.34 10.38
CA CYS B 255 25.62 0.18 9.84
C CYS B 255 27.08 0.20 10.29
N ARG B 256 27.57 -0.96 10.74
CA ARG B 256 28.90 -1.07 11.30
C ARG B 256 29.64 -2.23 10.64
N LEU B 257 30.93 -2.02 10.40
CA LEU B 257 31.80 -3.03 9.80
C LEU B 257 32.79 -3.53 10.84
N PHE B 258 32.87 -4.85 11.00
CA PHE B 258 33.75 -5.47 11.96
C PHE B 258 34.75 -6.34 11.23
N ASP B 259 35.95 -6.45 11.79
CA ASP B 259 37.03 -7.25 11.20
C ASP B 259 37.32 -8.44 12.09
N LEU B 260 37.49 -9.60 11.47
CA LEU B 260 37.75 -10.83 12.22
C LEU B 260 39.15 -10.84 12.83
N ARG B 261 40.04 -9.97 12.39
CA ARG B 261 41.39 -9.88 12.92
C ARG B 261 41.58 -8.74 13.91
N ALA B 262 41.01 -7.56 13.63
CA ALA B 262 41.07 -6.46 14.58
C ALA B 262 40.17 -6.68 15.80
N ASP B 263 39.21 -7.60 15.68
CA ASP B 263 38.30 -7.97 16.76
C ASP B 263 37.48 -6.78 17.28
N GLN B 264 37.21 -5.80 16.41
CA GLN B 264 36.39 -4.66 16.79
C GLN B 264 35.86 -3.97 15.53
N GLU B 265 35.03 -2.97 15.75
CA GLU B 265 34.43 -2.22 14.66
C GLU B 265 35.50 -1.41 13.91
N LEU B 266 35.38 -1.38 12.58
CA LEU B 266 36.31 -0.59 11.78
C LEU B 266 35.74 0.77 11.44
N MET B 267 34.52 0.82 10.94
CA MET B 267 33.91 2.08 10.54
C MET B 267 32.39 1.96 10.70
N THR B 268 31.73 3.11 10.85
CA THR B 268 30.29 3.17 11.04
C THR B 268 29.67 3.90 9.86
N TYR B 269 28.52 3.41 9.40
CA TYR B 269 27.79 4.00 8.28
C TYR B 269 26.45 4.52 8.83
N SER B 270 26.44 5.79 9.23
CA SER B 270 25.27 6.42 9.79
C SER B 270 25.07 7.80 9.19
N HIS B 271 23.82 8.27 9.20
CA HIS B 271 23.47 9.58 8.68
C HIS B 271 22.48 10.24 9.64
N ASP B 272 22.49 11.58 9.63
CA ASP B 272 21.62 12.33 10.54
C ASP B 272 20.16 12.11 10.22
N ASN B 273 19.79 12.10 8.95
CA ASN B 273 18.40 11.99 8.53
C ASN B 273 17.86 10.58 8.58
N ILE B 274 18.71 9.58 8.82
CA ILE B 274 18.28 8.19 8.91
C ILE B 274 18.01 7.86 10.36
N ILE B 275 16.74 7.60 10.69
CA ILE B 275 16.34 7.25 12.04
C ILE B 275 15.56 5.94 12.01
N CYS B 276 15.83 5.10 11.01
CA CYS B 276 15.13 3.84 10.82
C CYS B 276 16.12 2.70 10.80
N GLY B 277 15.65 1.53 11.24
CA GLY B 277 16.54 0.40 11.38
C GLY B 277 16.93 -0.23 10.06
N ILE B 278 17.97 -1.04 10.11
CA ILE B 278 18.45 -1.77 8.93
C ILE B 278 17.91 -3.20 9.00
N THR B 279 17.34 -3.67 7.89
CA THR B 279 16.80 -5.02 7.84
C THR B 279 17.67 -5.98 7.05
N SER B 280 18.44 -5.48 6.08
CA SER B 280 19.24 -6.35 5.23
C SER B 280 20.50 -5.63 4.80
N VAL B 281 21.62 -6.35 4.81
CA VAL B 281 22.91 -5.83 4.36
C VAL B 281 23.57 -6.86 3.47
N SER B 282 24.30 -6.38 2.46
CA SER B 282 25.01 -7.26 1.54
C SER B 282 26.12 -6.49 0.85
N PHE B 283 27.25 -7.15 0.65
CA PHE B 283 28.38 -6.56 -0.05
C PHE B 283 28.31 -6.87 -1.54
N SER B 284 28.99 -6.04 -2.32
CA SER B 284 29.08 -6.27 -3.75
C SER B 284 30.14 -7.31 -4.07
N LYS B 285 30.42 -7.48 -5.36
CA LYS B 285 31.46 -8.42 -5.78
C LYS B 285 32.83 -8.00 -5.26
N SER B 286 33.14 -6.70 -5.35
CA SER B 286 34.42 -6.19 -4.87
C SER B 286 34.43 -5.91 -3.37
N GLY B 287 33.25 -5.76 -2.76
CA GLY B 287 33.15 -5.40 -1.37
C GLY B 287 33.23 -3.92 -1.09
N ARG B 288 33.48 -3.10 -2.12
CA ARG B 288 33.55 -1.65 -1.94
C ARG B 288 32.18 -1.04 -1.64
N LEU B 289 31.11 -1.62 -2.18
CA LEU B 289 29.76 -1.10 -2.02
C LEU B 289 29.03 -1.92 -0.97
N LEU B 290 28.45 -1.23 0.01
CA LEU B 290 27.64 -1.86 1.05
C LEU B 290 26.20 -1.41 0.86
N LEU B 291 25.35 -2.35 0.43
CA LEU B 291 23.94 -2.07 0.21
C LEU B 291 23.15 -2.49 1.45
N ALA B 292 22.39 -1.56 2.00
CA ALA B 292 21.65 -1.79 3.24
C ALA B 292 20.17 -1.49 3.02
N GLY B 293 19.32 -2.43 3.43
CA GLY B 293 17.89 -2.18 3.46
C GLY B 293 17.49 -1.40 4.69
N TYR B 294 16.47 -0.55 4.54
CA TYR B 294 16.09 0.39 5.59
C TYR B 294 14.58 0.38 5.77
N ASP B 295 14.15 0.81 6.96
CA ASP B 295 12.72 0.86 7.26
C ASP B 295 12.05 2.08 6.65
N ASP B 296 12.81 2.99 6.06
CA ASP B 296 12.27 4.23 5.50
C ASP B 296 11.87 4.09 4.04
N PHE B 297 11.49 2.87 3.62
CA PHE B 297 10.94 2.59 2.30
C PHE B 297 12.03 2.61 1.23
N ASN B 298 13.27 2.83 1.64
CA ASN B 298 14.38 3.02 0.70
C ASN B 298 15.57 2.17 1.09
N CYS B 299 16.46 1.96 0.12
CA CYS B 299 17.72 1.27 0.33
C CYS B 299 18.87 2.21 -0.01
N ASN B 300 19.87 2.26 0.86
CA ASN B 300 21.02 3.15 0.68
C ASN B 300 22.26 2.33 0.35
N VAL B 301 22.98 2.77 -0.68
CA VAL B 301 24.23 2.16 -1.09
C VAL B 301 25.37 2.90 -0.40
N TRP B 302 26.11 2.19 0.45
CA TRP B 302 27.17 2.79 1.25
C TRP B 302 28.53 2.35 0.71
N ASP B 303 29.45 3.32 0.62
CA ASP B 303 30.84 3.01 0.31
C ASP B 303 31.47 2.38 1.54
N ALA B 304 31.93 1.13 1.40
CA ALA B 304 32.46 0.40 2.55
C ALA B 304 33.71 1.03 3.13
N LEU B 305 34.40 1.88 2.37
CA LEU B 305 35.62 2.52 2.83
C LEU B 305 35.45 4.01 3.12
N LYS B 306 34.76 4.74 2.24
CA LYS B 306 34.54 6.16 2.46
C LYS B 306 33.38 6.42 3.42
N ALA B 307 32.55 5.41 3.70
CA ALA B 307 31.43 5.53 4.64
C ALA B 307 30.49 6.68 4.27
N ASP B 308 30.15 6.77 2.99
CA ASP B 308 29.20 7.75 2.50
C ASP B 308 28.22 7.10 1.54
N ARG B 309 27.03 7.69 1.44
CA ARG B 309 25.96 7.15 0.61
C ARG B 309 26.29 7.36 -0.86
N ALA B 310 26.76 6.32 -1.52
CA ALA B 310 27.08 6.40 -2.94
C ALA B 310 25.86 6.23 -3.83
N GLY B 311 24.76 5.75 -3.29
CA GLY B 311 23.56 5.58 -4.09
C GLY B 311 22.37 5.26 -3.22
N VAL B 312 21.18 5.29 -3.86
CA VAL B 312 19.93 5.05 -3.16
C VAL B 312 19.03 4.20 -4.05
N LEU B 313 18.40 3.19 -3.45
CA LEU B 313 17.41 2.34 -4.12
C LEU B 313 16.07 2.59 -3.44
N ALA B 314 15.32 3.55 -3.97
CA ALA B 314 14.07 3.99 -3.37
C ALA B 314 12.84 3.46 -4.10
N GLY B 315 13.00 2.46 -4.96
CA GLY B 315 11.90 2.01 -5.81
C GLY B 315 10.78 1.27 -5.12
N HIS B 316 11.00 0.80 -3.89
CA HIS B 316 9.99 0.01 -3.20
C HIS B 316 9.04 0.90 -2.41
N ASP B 317 7.77 0.47 -2.37
CA ASP B 317 6.71 1.24 -1.73
C ASP B 317 6.41 0.78 -0.31
N ASN B 318 7.15 -0.19 0.22
CA ASN B 318 6.95 -0.67 1.58
C ASN B 318 8.31 -0.96 2.20
N ARG B 319 8.30 -1.49 3.42
CA ARG B 319 9.53 -1.80 4.13
C ARG B 319 10.36 -2.82 3.38
N VAL B 320 11.63 -2.51 3.16
CA VAL B 320 12.54 -3.46 2.55
C VAL B 320 13.08 -4.39 3.63
N SER B 321 12.86 -5.70 3.45
CA SER B 321 13.18 -6.69 4.45
C SER B 321 14.35 -7.59 4.09
N CYS B 322 14.61 -7.79 2.80
CA CYS B 322 15.70 -8.66 2.37
C CYS B 322 16.42 -8.00 1.19
N LEU B 323 17.70 -8.34 1.06
CA LEU B 323 18.55 -7.71 0.05
C LEU B 323 19.70 -8.65 -0.25
N GLY B 324 19.89 -8.98 -1.54
CA GLY B 324 20.94 -9.89 -1.92
C GLY B 324 21.67 -9.51 -3.18
N VAL B 325 22.99 -9.61 -3.15
CA VAL B 325 23.84 -9.32 -4.29
C VAL B 325 24.25 -10.63 -4.95
N THR B 326 24.28 -10.63 -6.28
CA THR B 326 24.68 -11.82 -7.02
C THR B 326 26.13 -12.18 -6.70
N ASP B 327 26.42 -13.48 -6.79
CA ASP B 327 27.77 -13.96 -6.48
C ASP B 327 28.81 -13.39 -7.44
N ASP B 328 28.42 -13.08 -8.67
CA ASP B 328 29.31 -12.41 -9.61
C ASP B 328 29.15 -10.90 -9.60
N GLY B 329 28.24 -10.36 -8.78
CA GLY B 329 28.02 -8.93 -8.69
C GLY B 329 27.27 -8.32 -9.85
N MET B 330 26.63 -9.12 -10.70
CA MET B 330 25.97 -8.59 -11.89
C MET B 330 24.81 -7.67 -11.54
N ALA B 331 23.98 -8.05 -10.58
CA ALA B 331 22.81 -7.26 -10.24
C ALA B 331 22.42 -7.50 -8.79
N VAL B 332 21.55 -6.64 -8.28
CA VAL B 332 21.05 -6.72 -6.91
C VAL B 332 19.54 -6.85 -6.95
N ALA B 333 19.02 -7.89 -6.31
CA ALA B 333 17.58 -8.07 -6.14
C ALA B 333 17.19 -7.56 -4.76
N THR B 334 16.18 -6.70 -4.72
CA THR B 334 15.72 -6.10 -3.47
C THR B 334 14.31 -6.58 -3.18
N GLY B 335 14.11 -7.19 -2.02
CA GLY B 335 12.80 -7.62 -1.61
C GLY B 335 12.20 -6.67 -0.60
N SER B 336 10.87 -6.58 -0.56
CA SER B 336 10.20 -5.63 0.32
C SER B 336 8.82 -6.16 0.67
N TRP B 337 8.18 -5.48 1.62
CA TRP B 337 6.85 -5.87 2.07
C TRP B 337 5.77 -5.52 1.05
N ASP B 338 6.10 -4.80 -0.02
CA ASP B 338 5.14 -4.47 -1.06
C ASP B 338 4.83 -5.64 -1.99
N SER B 339 5.33 -6.84 -1.68
CA SER B 339 5.11 -8.09 -2.42
C SER B 339 5.77 -8.09 -3.80
N PHE B 340 6.79 -7.26 -4.02
CA PHE B 340 7.52 -7.23 -5.29
C PHE B 340 9.01 -7.30 -5.04
N LEU B 341 9.73 -7.92 -5.96
CA LEU B 341 11.18 -7.92 -5.97
C LEU B 341 11.67 -7.05 -7.12
N LYS B 342 12.67 -6.22 -6.84
CA LYS B 342 13.23 -5.31 -7.84
C LYS B 342 14.70 -5.63 -8.06
N ILE B 343 15.11 -5.72 -9.32
CA ILE B 343 16.48 -6.03 -9.69
C ILE B 343 17.21 -4.73 -10.01
N TRP B 344 18.32 -4.49 -9.33
CA TRP B 344 19.07 -3.25 -9.49
C TRP B 344 20.50 -3.57 -9.94
N ASN B 345 20.99 -2.79 -10.91
CA ASN B 345 22.38 -2.90 -11.36
C ASN B 345 22.82 -1.64 -12.09
N THR C 6 23.47 -23.59 41.33
CA THR C 6 22.23 -23.19 40.67
C THR C 6 22.46 -22.86 39.20
N ALA C 7 21.38 -22.79 38.44
CA ALA C 7 21.49 -22.47 37.02
C ALA C 7 21.96 -21.04 36.81
N SER C 8 21.55 -20.12 37.69
CA SER C 8 21.92 -18.72 37.55
C SER C 8 23.43 -18.54 37.64
N ILE C 9 24.07 -19.24 38.56
CA ILE C 9 25.53 -19.15 38.67
C ILE C 9 26.22 -20.04 37.65
N ALA C 10 25.58 -21.15 37.25
CA ALA C 10 26.19 -22.04 36.26
C ALA C 10 26.31 -21.36 34.91
N GLN C 11 25.25 -20.68 34.47
CA GLN C 11 25.31 -19.94 33.21
C GLN C 11 26.36 -18.84 33.26
N ALA C 12 26.45 -18.13 34.38
CA ALA C 12 27.45 -17.09 34.54
C ALA C 12 28.86 -17.68 34.47
N ARG C 13 29.09 -18.81 35.13
CA ARG C 13 30.39 -19.45 35.09
C ARG C 13 30.76 -19.89 33.68
N LYS C 14 29.80 -20.48 32.96
CA LYS C 14 30.07 -20.88 31.58
C LYS C 14 30.39 -19.68 30.70
N LEU C 15 29.64 -18.59 30.84
CA LEU C 15 29.91 -17.39 30.05
C LEU C 15 31.29 -16.82 30.39
N VAL C 16 31.64 -16.80 31.68
CA VAL C 16 32.94 -16.29 32.08
C VAL C 16 34.06 -17.14 31.51
N GLU C 17 33.91 -18.47 31.55
CA GLU C 17 34.94 -19.33 30.96
C GLU C 17 35.06 -19.11 29.46
N GLN C 18 33.93 -19.02 28.77
CA GLN C 18 33.97 -18.79 27.32
C GLN C 18 34.64 -17.47 27.00
N LEU C 19 34.41 -16.45 27.83
CA LEU C 19 34.96 -15.12 27.54
C LEU C 19 36.41 -15.02 28.04
N LYS C 20 36.80 -15.89 28.98
CA LYS C 20 38.21 -16.20 29.21
C LYS C 20 38.88 -16.69 27.93
N MET C 21 38.27 -17.67 27.27
CA MET C 21 38.91 -18.34 26.15
C MET C 21 39.12 -17.40 24.96
N GLU C 22 38.17 -16.49 24.72
CA GLU C 22 38.28 -15.61 23.57
C GLU C 22 39.12 -14.36 23.85
N ALA C 23 39.48 -14.12 25.11
CA ALA C 23 40.28 -12.94 25.43
C ALA C 23 41.71 -13.08 24.92
N ASN C 24 42.27 -14.28 24.99
CA ASN C 24 43.66 -14.53 24.64
C ASN C 24 43.87 -14.75 23.14
N ILE C 25 42.89 -14.42 22.30
CA ILE C 25 43.05 -14.59 20.86
C ILE C 25 43.99 -13.53 20.32
N ASP C 26 44.69 -13.87 19.25
CA ASP C 26 45.62 -12.94 18.62
C ASP C 26 44.85 -11.80 17.94
N ARG C 27 45.47 -10.63 17.92
CA ARG C 27 44.86 -9.45 17.34
C ARG C 27 45.83 -8.81 16.35
N ILE C 28 45.26 -8.08 15.39
CA ILE C 28 46.03 -7.46 14.32
C ILE C 28 45.68 -5.97 14.26
N LYS C 29 46.69 -5.15 13.98
CA LYS C 29 46.52 -3.71 13.96
C LYS C 29 45.42 -3.29 12.99
N VAL C 30 44.61 -2.32 13.41
CA VAL C 30 43.46 -1.89 12.63
C VAL C 30 43.88 -1.28 11.31
N SER C 31 44.96 -0.49 11.31
CA SER C 31 45.39 0.19 10.08
C SER C 31 45.79 -0.82 9.01
N LYS C 32 46.49 -1.89 9.40
CA LYS C 32 46.89 -2.90 8.43
C LYS C 32 45.68 -3.66 7.88
N ALA C 33 44.69 -3.93 8.74
CA ALA C 33 43.46 -4.56 8.26
C ALA C 33 42.72 -3.65 7.28
N ALA C 34 42.66 -2.36 7.58
CA ALA C 34 42.03 -1.42 6.66
C ALA C 34 42.79 -1.37 5.33
N ALA C 35 44.12 -1.43 5.38
CA ALA C 35 44.90 -1.50 4.16
C ALA C 35 44.62 -2.79 3.39
N ASP C 36 44.40 -3.89 4.10
CA ASP C 36 44.05 -5.15 3.44
C ASP C 36 42.71 -5.06 2.72
N LEU C 37 41.69 -4.48 3.38
CA LEU C 37 40.43 -4.23 2.68
C LEU C 37 40.62 -3.28 1.50
N MET C 38 41.48 -2.28 1.65
CA MET C 38 41.82 -1.40 0.53
C MET C 38 42.36 -2.19 -0.65
N ALA C 39 43.32 -3.08 -0.38
CA ALA C 39 43.91 -3.88 -1.46
C ALA C 39 42.87 -4.77 -2.12
N TYR C 40 42.02 -5.42 -1.32
CA TYR C 40 41.00 -6.28 -1.90
C TYR C 40 40.03 -5.49 -2.76
N CYS C 41 39.56 -4.34 -2.26
CA CYS C 41 38.61 -3.54 -3.04
C CYS C 41 39.24 -3.03 -4.32
N GLU C 42 40.49 -2.55 -4.24
CA GLU C 42 41.16 -2.02 -5.43
C GLU C 42 41.41 -3.11 -6.45
N ALA C 43 41.79 -4.31 -5.99
CA ALA C 43 42.02 -5.41 -6.91
C ALA C 43 40.73 -5.86 -7.59
N HIS C 44 39.64 -5.91 -6.84
CA HIS C 44 38.37 -6.40 -7.36
C HIS C 44 37.47 -5.31 -7.89
N ALA C 45 37.93 -4.05 -7.89
CA ALA C 45 37.09 -2.95 -8.38
C ALA C 45 36.84 -3.07 -9.89
N LYS C 46 37.86 -3.48 -10.65
CA LYS C 46 37.75 -3.50 -12.10
C LYS C 46 36.82 -4.58 -12.62
N GLU C 47 36.48 -5.59 -11.81
CA GLU C 47 35.59 -6.66 -12.24
C GLU C 47 34.30 -6.69 -11.42
N ASP C 48 33.92 -5.56 -10.82
CA ASP C 48 32.67 -5.46 -10.08
C ASP C 48 31.63 -4.79 -10.97
N PRO C 49 30.61 -5.52 -11.44
CA PRO C 49 29.59 -4.90 -12.30
C PRO C 49 28.79 -3.82 -11.60
N LEU C 50 28.79 -3.78 -10.27
CA LEU C 50 28.02 -2.79 -9.53
C LEU C 50 28.76 -1.46 -9.38
N LEU C 51 30.06 -1.48 -9.11
CA LEU C 51 30.86 -0.26 -9.05
C LEU C 51 31.07 0.33 -10.43
N THR C 52 31.34 -0.51 -11.42
CA THR C 52 31.46 -0.09 -12.82
C THR C 52 30.37 -0.78 -13.62
N PRO C 53 29.27 -0.10 -13.93
CA PRO C 53 28.19 -0.75 -14.70
C PRO C 53 28.68 -1.25 -16.04
N VAL C 54 28.25 -2.45 -16.41
CA VAL C 54 28.62 -3.07 -17.68
C VAL C 54 27.77 -2.47 -18.78
N PRO C 55 28.25 -2.44 -20.03
CA PRO C 55 27.40 -1.97 -21.14
C PRO C 55 26.19 -2.88 -21.33
N ALA C 56 25.10 -2.30 -21.83
CA ALA C 56 23.88 -3.05 -22.04
C ALA C 56 24.05 -4.17 -23.05
N SER C 57 25.09 -4.11 -23.89
CA SER C 57 25.32 -5.16 -24.88
C SER C 57 25.66 -6.51 -24.24
N GLU C 58 26.20 -6.52 -23.03
CA GLU C 58 26.48 -7.76 -22.34
C GLU C 58 25.76 -7.90 -21.01
N ASN C 59 25.04 -6.89 -20.54
CA ASN C 59 24.28 -6.99 -19.30
C ASN C 59 23.09 -7.93 -19.50
N PRO C 60 23.00 -9.02 -18.75
CA PRO C 60 21.87 -9.96 -18.93
C PRO C 60 20.52 -9.39 -18.53
N PHE C 61 20.49 -8.29 -17.76
CA PHE C 61 19.25 -7.69 -17.30
C PHE C 61 18.84 -6.48 -18.14
N ARG C 62 19.53 -6.26 -19.27
CA ARG C 62 19.33 -5.13 -20.18
C ARG C 62 18.92 -3.83 -19.46
N GLN D 1 29.49 -1.37 23.58
CA GLN D 1 28.64 -2.37 24.23
C GLN D 1 27.61 -1.71 25.13
N VAL D 2 26.34 -2.02 24.91
CA VAL D 2 25.27 -1.46 25.74
C VAL D 2 25.35 -2.06 27.13
N GLN D 3 25.42 -1.20 28.14
CA GLN D 3 25.54 -1.63 29.52
C GLN D 3 24.80 -0.65 30.42
N LEU D 4 24.08 -1.20 31.40
CA LEU D 4 23.34 -0.41 32.38
C LEU D 4 23.82 -0.79 33.76
N GLN D 5 24.29 0.20 34.53
CA GLN D 5 24.87 -0.02 35.85
C GLN D 5 24.00 0.70 36.88
N GLU D 6 23.03 -0.02 37.45
CA GLU D 6 22.18 0.56 38.47
C GLU D 6 22.95 0.74 39.77
N SER D 7 22.63 1.81 40.49
CA SER D 7 23.28 2.10 41.76
C SER D 7 22.22 2.49 42.78
N GLY D 8 22.52 2.21 44.05
CA GLY D 8 21.60 2.52 45.13
C GLY D 8 20.72 1.33 45.50
N GLY D 9 20.49 1.15 46.79
CA GLY D 9 19.68 0.04 47.27
C GLY D 9 20.04 -0.30 48.70
N GLY D 10 19.90 -1.58 49.02
CA GLY D 10 20.20 -2.06 50.35
C GLY D 10 18.97 -2.23 51.22
N LEU D 11 18.98 -1.60 52.40
CA LEU D 11 17.87 -1.69 53.33
C LEU D 11 17.36 -0.30 53.67
N VAL D 12 16.04 -0.12 53.66
CA VAL D 12 15.41 1.14 53.99
C VAL D 12 14.19 0.88 54.85
N GLN D 13 13.97 1.74 55.83
CA GLN D 13 12.82 1.59 56.70
C GLN D 13 11.53 1.88 55.92
N PRO D 14 10.43 1.22 56.27
CA PRO D 14 9.16 1.49 55.58
C PRO D 14 8.75 2.95 55.74
N GLY D 15 8.19 3.52 54.67
CA GLY D 15 7.80 4.90 54.65
C GLY D 15 8.89 5.90 54.40
N GLY D 16 10.13 5.45 54.20
CA GLY D 16 11.25 6.35 53.97
C GLY D 16 11.41 6.71 52.51
N SER D 17 12.61 7.16 52.14
CA SER D 17 12.88 7.56 50.76
C SER D 17 14.20 6.93 50.31
N LEU D 18 14.29 6.66 49.02
CA LEU D 18 15.49 6.08 48.43
C LEU D 18 15.53 6.48 46.96
N ARG D 19 16.72 6.87 46.49
CA ARG D 19 16.91 7.35 45.13
C ARG D 19 17.74 6.33 44.35
N LEU D 20 17.25 5.96 43.17
CA LEU D 20 17.95 5.01 42.31
C LEU D 20 18.52 5.73 41.10
N SER D 21 19.80 5.49 40.82
CA SER D 21 20.48 6.08 39.68
C SER D 21 21.25 4.98 38.96
N CYS D 22 21.12 4.94 37.63
CA CYS D 22 21.79 3.95 36.80
C CYS D 22 22.69 4.69 35.81
N ALA D 23 23.92 4.20 35.65
CA ALA D 23 24.86 4.78 34.71
C ALA D 23 24.71 4.07 33.36
N ALA D 24 24.26 4.81 32.35
CA ALA D 24 24.06 4.26 31.02
C ALA D 24 25.29 4.52 30.15
N SER D 25 25.64 3.53 29.34
CA SER D 25 26.80 3.63 28.46
C SER D 25 26.62 2.69 27.28
N GLY D 26 27.40 2.93 26.23
CA GLY D 26 27.34 2.11 25.04
C GLY D 26 26.25 2.47 24.06
N PHE D 27 25.50 3.54 24.31
CA PHE D 27 24.45 3.97 23.39
C PHE D 27 24.14 5.44 23.65
N THR D 28 23.43 6.05 22.71
CA THR D 28 22.98 7.43 22.86
C THR D 28 21.77 7.48 23.78
N PHE D 29 21.92 8.08 24.96
CA PHE D 29 20.86 8.06 25.96
C PHE D 29 19.62 8.79 25.49
N SER D 30 19.80 9.92 24.81
CA SER D 30 18.69 10.83 24.52
C SER D 30 17.65 10.26 23.57
N ASN D 31 18.01 9.33 22.70
CA ASN D 31 17.12 8.88 21.64
C ASN D 31 16.31 7.64 21.97
N TYR D 32 16.44 7.08 23.17
CA TYR D 32 15.75 5.84 23.53
C TYR D 32 14.91 6.05 24.78
N LYS D 33 13.68 5.53 24.75
CA LYS D 33 12.85 5.50 25.94
C LYS D 33 13.35 4.43 26.89
N MET D 34 13.38 4.74 28.18
CA MET D 34 13.87 3.81 29.18
C MET D 34 12.86 3.72 30.32
N ASN D 35 12.86 2.55 30.98
CA ASN D 35 11.87 2.28 32.01
C ASN D 35 12.49 1.46 33.13
N TRP D 36 11.78 1.40 34.25
CA TRP D 36 12.19 0.62 35.41
C TRP D 36 11.27 -0.58 35.60
N VAL D 37 11.86 -1.74 35.86
CA VAL D 37 11.11 -2.94 36.17
C VAL D 37 11.69 -3.55 37.44
N ARG D 38 10.88 -4.32 38.15
CA ARG D 38 11.29 -4.93 39.40
C ARG D 38 10.81 -6.36 39.47
N GLN D 39 11.55 -7.20 40.20
CA GLN D 39 11.22 -8.61 40.38
C GLN D 39 11.22 -8.92 41.87
N ALA D 40 10.03 -8.92 42.47
CA ALA D 40 9.92 -9.30 43.87
C ALA D 40 10.10 -10.81 44.02
N PRO D 41 10.61 -11.28 45.16
CA PRO D 41 10.75 -12.72 45.38
C PRO D 41 9.44 -13.47 45.21
N GLY D 42 9.47 -14.62 44.54
CA GLY D 42 8.29 -15.42 44.34
C GLY D 42 7.39 -14.98 43.20
N LYS D 43 7.79 -13.97 42.43
CA LYS D 43 6.98 -13.49 41.31
C LYS D 43 7.90 -12.94 40.23
N GLY D 44 7.34 -12.82 39.03
CA GLY D 44 8.10 -12.41 37.87
C GLY D 44 8.31 -10.91 37.80
N LEU D 45 8.98 -10.49 36.73
CA LEU D 45 9.28 -9.09 36.51
C LEU D 45 8.02 -8.29 36.25
N GLU D 46 7.94 -7.09 36.82
CA GLU D 46 6.83 -6.18 36.61
C GLU D 46 7.35 -4.78 36.30
N TRP D 47 6.80 -4.16 35.26
CA TRP D 47 7.18 -2.80 34.89
C TRP D 47 6.71 -1.82 35.95
N VAL D 48 7.46 -0.74 36.14
CA VAL D 48 7.18 0.25 37.17
C VAL D 48 6.85 1.61 36.57
N SER D 49 7.80 2.20 35.84
CA SER D 49 7.61 3.54 35.29
C SER D 49 8.50 3.70 34.07
N ASP D 50 8.06 4.55 33.15
CA ASP D 50 8.83 4.86 31.94
C ASP D 50 8.86 6.36 31.72
N ILE D 51 9.87 6.81 30.98
CA ILE D 51 10.02 8.22 30.62
C ILE D 51 10.44 8.30 29.16
N SER D 52 9.88 9.25 28.43
CA SER D 52 10.11 9.36 27.00
C SER D 52 11.55 9.81 26.71
N GLN D 53 11.84 9.99 25.42
CA GLN D 53 13.18 10.37 24.99
C GLN D 53 13.63 11.68 25.63
N SER D 54 12.79 12.71 25.52
CA SER D 54 13.08 14.01 26.11
C SER D 54 12.37 14.25 27.42
N GLY D 55 11.70 13.23 27.97
CA GLY D 55 10.97 13.39 29.21
C GLY D 55 9.58 13.96 29.07
N ALA D 56 9.05 14.04 27.85
CA ALA D 56 7.73 14.61 27.65
C ALA D 56 6.61 13.67 28.10
N SER D 57 6.82 12.36 28.01
CA SER D 57 5.81 11.38 28.40
C SER D 57 6.29 10.59 29.59
N ILE D 58 5.48 10.58 30.65
CA ILE D 58 5.81 9.89 31.90
C ILE D 58 4.58 9.13 32.39
N SER D 59 4.80 7.89 32.80
CA SER D 59 3.71 7.06 33.30
C SER D 59 4.22 6.18 34.44
N TYR D 60 3.29 5.75 35.28
CA TYR D 60 3.59 4.90 36.42
C TYR D 60 2.50 3.85 36.59
N THR D 61 2.83 2.78 37.30
CA THR D 61 1.81 1.83 37.73
C THR D 61 0.96 2.44 38.83
N GLY D 62 -0.25 1.91 38.99
CA GLY D 62 -1.12 2.36 40.07
C GLY D 62 -0.58 2.05 41.45
N SER D 63 0.26 1.02 41.57
CA SER D 63 0.84 0.68 42.86
C SER D 63 1.85 1.71 43.34
N VAL D 64 2.42 2.50 42.42
CA VAL D 64 3.41 3.50 42.78
C VAL D 64 3.05 4.90 42.29
N LYS D 65 1.80 5.13 41.89
CA LYS D 65 1.38 6.45 41.43
C LYS D 65 1.55 7.47 42.55
N GLY D 66 2.17 8.60 42.22
CA GLY D 66 2.41 9.65 43.19
C GLY D 66 3.62 9.40 44.07
N ARG D 67 3.72 8.18 44.61
CA ARG D 67 4.85 7.85 45.48
C ARG D 67 6.16 7.88 44.72
N PHE D 68 6.18 7.32 43.51
CA PHE D 68 7.39 7.23 42.71
C PHE D 68 7.38 8.28 41.62
N THR D 69 8.55 8.86 41.35
CA THR D 69 8.74 9.81 40.25
C THR D 69 9.99 9.41 39.49
N ILE D 70 9.94 9.52 38.17
CA ILE D 70 11.06 9.17 37.30
C ILE D 70 11.58 10.43 36.62
N SER D 71 12.88 10.43 36.35
CA SER D 71 13.51 11.55 35.69
C SER D 71 14.76 11.07 34.96
N ARG D 72 15.15 11.81 33.92
CA ARG D 72 16.33 11.48 33.14
C ARG D 72 17.14 12.74 32.89
N ASP D 73 18.45 12.58 32.81
CA ASP D 73 19.38 13.68 32.51
C ASP D 73 20.18 13.27 31.29
N ASN D 74 19.78 13.80 30.12
CA ASN D 74 20.47 13.45 28.88
C ASN D 74 21.89 13.98 28.84
N ALA D 75 22.21 14.95 29.71
CA ALA D 75 23.52 15.57 29.70
C ALA D 75 24.65 14.61 30.05
N LYS D 76 24.47 13.75 31.06
CA LYS D 76 25.52 12.86 31.51
C LYS D 76 25.04 11.41 31.48
N ASN D 77 24.06 11.13 30.62
CA ASN D 77 23.60 9.77 30.34
C ASN D 77 23.18 9.03 31.60
N THR D 78 22.27 9.60 32.38
CA THR D 78 21.86 9.01 33.66
C THR D 78 20.35 9.04 33.78
N LEU D 79 19.79 7.98 34.36
CA LEU D 79 18.36 7.87 34.63
C LEU D 79 18.15 7.75 36.13
N TYR D 80 17.11 8.40 36.65
CA TYR D 80 16.83 8.45 38.08
C TYR D 80 15.44 7.92 38.37
N LEU D 81 15.28 7.37 39.57
CA LEU D 81 13.98 6.89 40.05
C LEU D 81 13.90 7.17 41.54
N GLN D 82 13.26 8.29 41.90
CA GLN D 82 13.10 8.65 43.31
C GLN D 82 11.89 7.92 43.88
N MET D 83 12.09 7.24 45.01
CA MET D 83 11.04 6.47 45.66
C MET D 83 10.67 7.13 46.98
N ASN D 84 9.37 7.30 47.21
CA ASN D 84 8.86 7.88 48.44
C ASN D 84 7.76 6.99 49.01
N SER D 85 7.67 6.98 50.35
CA SER D 85 6.68 6.17 51.07
C SER D 85 6.79 4.69 50.68
N LEU D 86 7.95 4.11 50.98
CA LEU D 86 8.23 2.73 50.59
C LEU D 86 7.39 1.77 51.42
N LYS D 87 6.50 1.03 50.76
CA LYS D 87 5.74 0.00 51.44
C LYS D 87 6.58 -1.25 51.65
N PRO D 88 6.25 -2.06 52.66
CA PRO D 88 6.97 -3.33 52.83
C PRO D 88 6.98 -4.21 51.59
N GLU D 89 5.88 -4.24 50.84
CA GLU D 89 5.78 -5.05 49.64
C GLU D 89 6.57 -4.48 48.47
N ASP D 90 7.07 -3.25 48.58
CA ASP D 90 7.85 -2.64 47.49
C ASP D 90 9.22 -3.26 47.33
N THR D 91 9.66 -4.11 48.26
CA THR D 91 10.96 -4.76 48.15
C THR D 91 11.01 -5.64 46.90
N ALA D 92 12.08 -5.50 46.13
CA ALA D 92 12.27 -6.22 44.88
C ALA D 92 13.65 -5.87 44.34
N VAL D 93 14.11 -6.68 43.40
CA VAL D 93 15.32 -6.36 42.65
C VAL D 93 14.95 -5.43 41.51
N TYR D 94 15.33 -4.16 41.63
CA TYR D 94 14.96 -3.14 40.67
C TYR D 94 15.89 -3.18 39.47
N TYR D 95 15.30 -3.37 38.29
CA TYR D 95 16.05 -3.46 37.04
C TYR D 95 15.68 -2.27 36.15
N CYS D 96 16.68 -1.62 35.58
CA CYS D 96 16.44 -0.59 34.59
C CYS D 96 16.57 -1.17 33.19
N ALA D 97 15.58 -0.92 32.34
CA ALA D 97 15.52 -1.51 31.01
C ALA D 97 15.42 -0.42 29.97
N ARG D 98 15.88 -0.74 28.77
CA ARG D 98 15.93 0.20 27.65
C ARG D 98 15.06 -0.28 26.51
N CYS D 99 14.48 0.67 25.79
CA CYS D 99 13.71 0.34 24.60
C CYS D 99 14.64 -0.28 23.55
N PRO D 100 14.25 -1.41 22.95
CA PRO D 100 15.17 -2.08 22.02
C PRO D 100 15.57 -1.24 20.82
N ALA D 101 14.65 -0.41 20.31
CA ALA D 101 14.96 0.37 19.13
C ALA D 101 14.70 1.86 19.39
N PRO D 102 15.50 2.75 18.81
CA PRO D 102 15.32 4.18 19.07
C PRO D 102 14.06 4.71 18.40
N PHE D 103 13.53 5.79 19.00
CA PHE D 103 12.40 6.54 18.46
C PHE D 103 11.12 5.71 18.41
N THR D 104 11.11 4.54 19.04
CA THR D 104 9.91 3.73 19.11
C THR D 104 9.19 3.94 20.43
N ARG D 105 7.86 3.84 20.39
CA ARG D 105 7.06 4.06 21.59
C ARG D 105 6.76 2.76 22.32
N ASP D 106 6.84 1.63 21.63
CA ASP D 106 6.56 0.34 22.25
C ASP D 106 7.76 -0.16 23.05
N CYS D 107 7.49 -1.07 23.98
CA CYS D 107 8.53 -1.70 24.78
C CYS D 107 8.16 -3.16 25.03
N PHE D 108 9.17 -4.03 24.97
CA PHE D 108 9.03 -5.45 25.22
C PHE D 108 10.15 -5.89 26.15
N ASP D 109 10.35 -5.13 27.23
CA ASP D 109 11.44 -5.38 28.16
C ASP D 109 11.01 -5.94 29.51
N VAL D 110 9.81 -6.51 29.61
CA VAL D 110 9.35 -7.10 30.85
C VAL D 110 9.59 -8.61 30.80
N THR D 111 10.37 -9.04 29.81
CA THR D 111 10.64 -10.45 29.59
C THR D 111 11.47 -11.04 30.72
N SER D 112 11.11 -12.25 31.13
CA SER D 112 11.83 -12.94 32.20
C SER D 112 12.97 -13.80 31.65
N THR D 113 13.25 -13.71 30.36
CA THR D 113 14.30 -14.51 29.73
C THR D 113 15.60 -13.73 29.62
N THR D 114 15.88 -12.91 30.63
CA THR D 114 17.10 -12.11 30.70
C THR D 114 17.19 -11.16 29.50
N TYR D 115 16.28 -10.19 29.44
CA TYR D 115 16.32 -9.18 28.40
C TYR D 115 17.70 -8.53 28.34
N ALA D 116 18.24 -8.44 27.12
CA ALA D 116 19.64 -8.05 26.95
C ALA D 116 19.90 -6.63 27.44
N TYR D 117 19.03 -5.70 27.06
CA TYR D 117 19.23 -4.28 27.41
C TYR D 117 18.60 -3.94 28.75
N ARG D 118 19.05 -4.63 29.78
CA ARG D 118 18.58 -4.45 31.14
C ARG D 118 19.73 -4.72 32.10
N GLY D 119 19.85 -3.88 33.12
CA GLY D 119 20.96 -3.98 34.04
C GLY D 119 20.88 -5.21 34.93
N GLN D 120 21.96 -5.41 35.70
CA GLN D 120 22.03 -6.55 36.61
C GLN D 120 21.13 -6.38 37.82
N GLY D 121 20.65 -5.17 38.09
CA GLY D 121 19.72 -4.95 39.18
C GLY D 121 20.36 -4.77 40.53
N THR D 122 19.77 -3.91 41.36
CA THR D 122 20.21 -3.69 42.72
C THR D 122 19.11 -4.09 43.69
N GLN D 123 19.47 -4.89 44.70
CA GLN D 123 18.48 -5.37 45.66
C GLN D 123 18.01 -4.23 46.55
N VAL D 124 16.70 -4.10 46.69
CA VAL D 124 16.08 -3.11 47.56
C VAL D 124 15.22 -3.85 48.58
N THR D 125 15.50 -3.64 49.86
CA THR D 125 14.79 -4.31 50.94
C THR D 125 14.10 -3.27 51.81
N VAL D 126 12.80 -3.47 52.05
CA VAL D 126 12.03 -2.56 52.87
C VAL D 126 11.59 -3.25 54.16
N THR E 6 -36.26 28.45 -29.56
CA THR E 6 -37.47 28.18 -30.33
C THR E 6 -37.22 27.12 -31.38
N VAL E 7 -36.71 27.53 -32.54
CA VAL E 7 -36.41 26.62 -33.64
C VAL E 7 -34.99 26.84 -34.12
N SER E 8 -34.26 25.75 -34.33
CA SER E 8 -32.88 25.81 -34.78
C SER E 8 -32.80 25.61 -36.29
N LEU E 9 -31.56 25.60 -36.80
CA LEU E 9 -31.35 25.32 -38.21
C LEU E 9 -31.65 23.86 -38.52
N TRP E 10 -31.44 22.96 -37.56
CA TRP E 10 -31.74 21.55 -37.77
C TRP E 10 -33.22 21.34 -38.03
N GLU E 11 -34.07 21.86 -37.13
CA GLU E 11 -35.52 21.70 -37.29
C GLU E 11 -36.03 22.49 -38.48
N THR E 12 -35.44 23.66 -38.75
CA THR E 12 -35.82 24.43 -39.93
C THR E 12 -35.53 23.64 -41.20
N VAL E 13 -34.37 22.99 -41.26
CA VAL E 13 -34.01 22.19 -42.42
C VAL E 13 -34.94 20.98 -42.56
N GLN E 14 -35.25 20.33 -41.44
CA GLN E 14 -36.21 19.22 -41.51
C GLN E 14 -37.54 19.68 -42.08
N LYS E 15 -38.12 20.75 -41.50
CA LYS E 15 -39.35 21.31 -42.02
C LYS E 15 -39.21 21.70 -43.48
N TRP E 16 -38.01 22.05 -43.91
CA TRP E 16 -37.76 22.28 -45.33
C TRP E 16 -37.90 20.99 -46.13
N ARG E 17 -37.45 19.86 -45.58
CA ARG E 17 -37.71 18.57 -46.25
C ARG E 17 -39.19 18.30 -46.41
N GLU E 18 -39.97 18.45 -45.34
CA GLU E 18 -41.42 18.20 -45.52
C GLU E 18 -42.05 19.22 -46.45
N TYR E 19 -41.58 20.48 -46.43
CA TYR E 19 -42.13 21.47 -47.33
C TYR E 19 -41.82 21.11 -48.79
N ARG E 20 -40.62 20.61 -49.05
CA ARG E 20 -40.27 20.18 -50.40
C ARG E 20 -41.15 19.02 -50.83
N ARG E 21 -41.38 18.06 -49.93
CA ARG E 21 -42.23 16.92 -50.26
C ARG E 21 -43.65 17.37 -50.57
N GLN E 22 -44.19 18.28 -49.75
CA GLN E 22 -45.53 18.80 -49.97
C GLN E 22 -45.63 19.56 -51.29
N CYS E 23 -44.60 20.37 -51.59
CA CYS E 23 -44.59 21.12 -52.84
C CYS E 23 -44.56 20.18 -54.04
N GLN E 24 -43.71 19.14 -53.98
CA GLN E 24 -43.64 18.20 -55.08
C GLN E 24 -44.97 17.46 -55.26
N ARG E 25 -45.59 17.05 -54.15
CA ARG E 25 -46.88 16.36 -54.24
C ARG E 25 -47.95 17.28 -54.81
N SER E 26 -47.96 18.55 -54.40
CA SER E 26 -48.95 19.50 -54.89
C SER E 26 -48.76 19.75 -56.38
N LEU E 27 -47.51 19.92 -56.82
CA LEU E 27 -47.24 20.13 -58.23
C LEU E 27 -47.54 18.90 -59.08
N THR E 28 -47.34 17.69 -58.54
CA THR E 28 -47.72 16.48 -59.26
C THR E 28 -49.24 16.33 -59.35
N GLU E 29 -49.96 16.67 -58.28
CA GLU E 29 -51.41 16.51 -58.25
C GLU E 29 -52.15 17.71 -58.83
N ASP E 30 -51.46 18.80 -59.13
CA ASP E 30 -52.12 19.97 -59.71
C ASP E 30 -52.57 19.65 -61.14
N PRO E 31 -53.84 19.84 -61.46
CA PRO E 31 -54.32 19.52 -62.81
C PRO E 31 -53.58 20.30 -63.88
N PRO E 32 -53.28 19.69 -65.02
CA PRO E 32 -52.61 20.41 -66.10
C PRO E 32 -53.47 21.55 -66.61
N PRO E 33 -52.87 22.69 -66.94
CA PRO E 33 -53.66 23.83 -67.41
C PRO E 33 -53.93 23.77 -68.90
N ALA E 34 -55.09 24.27 -69.30
CA ALA E 34 -55.36 24.51 -70.71
C ALA E 34 -54.66 25.79 -71.14
N THR E 35 -54.73 26.09 -72.45
CA THR E 35 -54.05 27.26 -73.00
C THR E 35 -52.57 27.18 -72.68
N ASP E 36 -51.87 26.22 -73.30
CA ASP E 36 -50.55 25.78 -72.87
C ASP E 36 -49.53 26.91 -72.71
N LEU E 37 -49.85 28.13 -73.11
CA LEU E 37 -48.95 29.27 -72.92
C LEU E 37 -48.91 29.64 -71.43
N PHE E 38 -48.23 28.77 -70.67
CA PHE E 38 -48.10 28.91 -69.23
C PHE E 38 -46.67 28.57 -68.83
N CYS E 39 -46.26 29.09 -67.67
CA CYS E 39 -44.94 28.79 -67.16
C CYS E 39 -44.86 27.33 -66.69
N ASN E 40 -43.64 26.82 -66.60
CA ASN E 40 -43.41 25.46 -66.13
C ASN E 40 -43.34 25.45 -64.60
N ARG E 41 -44.16 24.61 -63.98
CA ARG E 41 -44.15 24.50 -62.53
C ARG E 41 -42.81 23.98 -62.04
N THR E 42 -42.26 24.64 -61.03
CA THR E 42 -40.95 24.28 -60.50
C THR E 42 -40.83 24.80 -59.07
N PHE E 43 -39.85 24.27 -58.36
CA PHE E 43 -39.56 24.68 -56.99
C PHE E 43 -38.23 25.41 -56.97
N ASP E 44 -38.23 26.67 -56.50
CA ASP E 44 -37.04 27.51 -56.47
C ASP E 44 -36.34 27.46 -55.12
N GLU E 45 -36.45 26.34 -54.40
CA GLU E 45 -35.85 26.09 -53.10
C GLU E 45 -36.38 27.00 -52.00
N TYR E 46 -37.37 27.87 -52.29
CA TYR E 46 -37.91 28.75 -51.27
C TYR E 46 -39.40 28.51 -51.05
N ALA E 47 -40.18 28.49 -52.14
CA ALA E 47 -41.63 28.37 -52.04
C ALA E 47 -42.16 27.63 -53.26
N CYS E 48 -43.38 27.14 -53.13
CA CYS E 48 -44.05 26.40 -54.21
C CYS E 48 -44.62 27.38 -55.22
N TRP E 49 -44.25 27.20 -56.49
CA TRP E 49 -44.71 28.06 -57.56
C TRP E 49 -45.50 27.25 -58.58
N PRO E 50 -46.81 27.41 -58.67
CA PRO E 50 -47.58 26.73 -59.72
C PRO E 50 -47.44 27.43 -61.06
N ASP E 51 -48.20 26.97 -62.06
CA ASP E 51 -48.14 27.57 -63.38
C ASP E 51 -48.42 29.08 -63.34
N GLY E 52 -47.66 29.84 -64.12
CA GLY E 52 -47.77 31.29 -64.08
C GLY E 52 -48.67 31.80 -65.17
N GLU E 53 -49.72 32.52 -64.79
CA GLU E 53 -50.59 33.14 -65.79
C GLU E 53 -49.89 34.32 -66.44
N PRO E 54 -49.91 34.42 -67.77
CA PRO E 54 -49.21 35.52 -68.44
C PRO E 54 -49.74 36.88 -67.99
N GLY E 55 -48.81 37.82 -67.78
CA GLY E 55 -49.18 39.17 -67.39
C GLY E 55 -49.91 39.26 -66.06
N SER E 56 -49.50 38.44 -65.08
CA SER E 56 -50.14 38.44 -63.78
C SER E 56 -49.15 37.97 -62.73
N PHE E 57 -49.33 38.47 -61.51
CA PHE E 57 -48.50 38.07 -60.38
C PHE E 57 -48.98 36.75 -59.80
N VAL E 58 -48.04 35.89 -59.42
CA VAL E 58 -48.34 34.64 -58.75
C VAL E 58 -48.10 34.81 -57.26
N ASN E 59 -49.15 34.63 -56.46
CA ASN E 59 -49.08 34.85 -55.03
C ASN E 59 -49.37 33.55 -54.28
N VAL E 60 -48.47 33.20 -53.36
CA VAL E 60 -48.65 32.06 -52.47
C VAL E 60 -48.24 32.46 -51.06
N SER E 61 -48.69 31.70 -50.08
CA SER E 61 -48.34 31.98 -48.70
C SER E 61 -46.85 31.77 -48.48
N CYS E 62 -46.29 32.53 -47.54
CA CYS E 62 -44.87 32.41 -47.24
C CYS E 62 -44.58 31.04 -46.64
N PRO E 63 -43.36 30.52 -46.84
CA PRO E 63 -43.05 29.17 -46.33
C PRO E 63 -43.22 29.09 -44.82
N TRP E 64 -43.74 27.95 -44.36
CA TRP E 64 -43.93 27.73 -42.94
C TRP E 64 -42.69 27.16 -42.26
N TYR E 65 -41.68 26.78 -43.05
CA TYR E 65 -40.44 26.27 -42.46
C TYR E 65 -39.52 27.37 -41.99
N LEU E 66 -39.81 28.62 -42.35
CA LEU E 66 -38.93 29.73 -41.96
C LEU E 66 -38.93 29.90 -40.45
N PRO E 67 -37.77 30.11 -39.83
CA PRO E 67 -37.75 30.36 -38.38
C PRO E 67 -38.57 31.55 -37.96
N TRP E 68 -38.63 32.58 -38.79
CA TRP E 68 -39.35 33.82 -38.49
C TRP E 68 -40.78 33.81 -39.01
N ALA E 69 -41.25 32.68 -39.55
CA ALA E 69 -42.61 32.61 -40.08
C ALA E 69 -43.64 32.79 -38.98
N SER E 70 -43.30 32.41 -37.74
CA SER E 70 -44.24 32.55 -36.63
C SER E 70 -44.51 34.01 -36.30
N SER E 71 -43.55 34.91 -36.52
CA SER E 71 -43.75 36.32 -36.19
C SER E 71 -44.70 37.00 -37.16
N VAL E 72 -44.58 36.71 -38.45
CA VAL E 72 -45.42 37.33 -39.48
C VAL E 72 -46.00 36.26 -40.40
N PRO E 73 -46.88 35.39 -39.91
CA PRO E 73 -47.43 34.33 -40.77
C PRO E 73 -48.30 34.85 -41.91
N GLN E 74 -48.78 36.09 -41.84
CA GLN E 74 -49.70 36.62 -42.84
C GLN E 74 -48.98 37.16 -44.07
N GLY E 75 -47.66 37.16 -44.09
CA GLY E 75 -46.94 37.65 -45.27
C GLY E 75 -47.07 36.71 -46.44
N HIS E 76 -46.83 37.25 -47.63
CA HIS E 76 -46.92 36.50 -48.88
C HIS E 76 -45.72 36.81 -49.76
N VAL E 77 -45.37 35.85 -50.61
CA VAL E 77 -44.28 35.99 -51.57
C VAL E 77 -44.87 36.04 -52.97
N TYR E 78 -44.34 36.94 -53.80
CA TYR E 78 -44.89 37.20 -55.12
C TYR E 78 -43.81 37.05 -56.18
N ARG E 79 -44.21 36.50 -57.33
CA ARG E 79 -43.35 36.42 -58.50
C ARG E 79 -44.18 36.80 -59.73
N PHE E 80 -43.57 37.61 -60.59
CA PHE E 80 -44.27 38.18 -61.74
C PHE E 80 -43.98 37.35 -62.98
N CYS E 81 -44.99 37.19 -63.83
CA CYS E 81 -44.87 36.47 -65.09
C CYS E 81 -45.07 37.45 -66.24
N THR E 82 -44.19 37.38 -67.24
CA THR E 82 -44.27 38.28 -68.37
C THR E 82 -45.41 37.87 -69.30
N ALA E 83 -45.71 38.75 -70.26
CA ALA E 83 -46.77 38.47 -71.22
C ALA E 83 -46.43 37.32 -72.16
N GLU E 84 -45.16 36.96 -72.27
CA GLU E 84 -44.72 35.85 -73.11
C GLU E 84 -45.02 34.49 -72.49
N GLY E 85 -45.41 34.45 -71.22
CA GLY E 85 -45.64 33.19 -70.54
C GLY E 85 -44.44 32.64 -69.81
N LEU E 86 -43.49 33.50 -69.45
CA LEU E 86 -42.29 33.10 -68.73
C LEU E 86 -42.05 34.06 -67.58
N TRP E 87 -41.29 33.59 -66.59
CA TRP E 87 -40.97 34.41 -65.43
C TRP E 87 -40.07 35.57 -65.84
N LEU E 88 -40.12 36.64 -65.05
CA LEU E 88 -39.28 37.80 -65.30
C LEU E 88 -37.83 37.49 -64.92
N GLN E 89 -37.06 37.02 -65.91
CA GLN E 89 -35.68 36.60 -65.64
C GLN E 89 -34.73 37.77 -65.48
N LYS E 90 -34.97 38.87 -66.20
CA LYS E 90 -34.16 40.09 -66.19
C LYS E 90 -32.84 39.86 -66.93
N ASP E 91 -32.56 38.62 -67.28
CA ASP E 91 -31.39 38.23 -68.06
C ASP E 91 -31.45 36.74 -68.33
N ASN E 92 -30.62 36.28 -69.27
CA ASN E 92 -30.65 34.87 -69.65
C ASN E 92 -29.96 33.98 -68.62
N SER E 93 -29.20 34.55 -67.69
CA SER E 93 -28.38 33.75 -66.79
C SER E 93 -28.88 33.73 -65.34
N SER E 94 -29.34 34.85 -64.81
CA SER E 94 -29.66 34.93 -63.39
C SER E 94 -31.07 34.40 -63.10
N LEU E 95 -31.37 34.30 -61.81
CA LEU E 95 -32.65 33.76 -61.36
C LEU E 95 -33.77 34.75 -61.66
N PRO E 96 -35.01 34.28 -61.82
CA PRO E 96 -36.12 35.20 -62.07
C PRO E 96 -36.40 36.09 -60.87
N TRP E 97 -36.99 37.25 -61.13
CA TRP E 97 -37.35 38.19 -60.08
C TRP E 97 -38.38 37.59 -59.14
N ARG E 98 -38.26 37.94 -57.86
CA ARG E 98 -39.16 37.41 -56.83
C ARG E 98 -39.22 38.40 -55.69
N ASP E 99 -40.43 38.68 -55.20
CA ASP E 99 -40.64 39.64 -54.11
C ASP E 99 -40.92 38.86 -52.83
N LEU E 100 -39.91 38.78 -51.95
CA LEU E 100 -40.02 38.09 -50.68
C LEU E 100 -39.69 38.98 -49.49
N SER E 101 -39.78 40.31 -49.66
CA SER E 101 -39.40 41.23 -48.60
C SER E 101 -40.46 41.30 -47.50
N GLU E 102 -41.63 40.71 -47.73
CA GLU E 102 -42.70 40.77 -46.73
C GLU E 102 -42.34 40.09 -45.42
N CYS E 103 -41.49 39.06 -45.47
CA CYS E 103 -41.08 38.34 -44.27
C CYS E 103 -39.56 38.23 -44.24
N GLU E 104 -38.93 38.96 -43.33
CA GLU E 104 -37.48 38.90 -43.17
C GLU E 104 -37.12 38.58 -41.73
N GLU E 105 -37.88 39.12 -40.78
CA GLU E 105 -37.64 38.89 -39.36
C GLU E 105 -38.92 38.46 -38.66
N SER E 112 -33.51 33.72 -31.84
CA SER E 112 -34.55 32.73 -31.60
C SER E 112 -33.96 31.32 -31.59
N SER E 113 -32.87 31.13 -32.32
CA SER E 113 -32.23 29.82 -32.36
C SER E 113 -31.60 29.50 -31.01
N PRO E 114 -31.64 28.24 -30.58
CA PRO E 114 -31.11 27.89 -29.25
C PRO E 114 -29.63 28.19 -29.09
N GLU E 115 -28.84 28.11 -30.16
CA GLU E 115 -27.40 28.35 -30.04
C GLU E 115 -27.07 29.83 -29.86
N GLU E 116 -28.02 30.73 -30.07
CA GLU E 116 -27.76 32.15 -29.93
C GLU E 116 -28.31 32.73 -28.64
N GLN E 117 -29.46 32.23 -28.18
CA GLN E 117 -30.05 32.73 -26.95
C GLN E 117 -29.56 31.99 -25.71
N LEU E 118 -28.67 31.00 -25.88
CA LEU E 118 -28.04 30.30 -24.77
C LEU E 118 -26.52 30.31 -24.88
N LEU E 119 -25.93 31.44 -25.28
CA LEU E 119 -24.47 31.51 -25.43
C LEU E 119 -23.75 31.33 -24.11
N PHE E 120 -24.26 31.96 -23.04
CA PHE E 120 -23.59 31.89 -21.75
C PHE E 120 -23.48 30.46 -21.27
N LEU E 121 -24.59 29.71 -21.30
CA LEU E 121 -24.56 28.33 -20.84
C LEU E 121 -23.69 27.48 -21.76
N TYR E 122 -23.73 27.74 -23.06
CA TYR E 122 -22.89 26.99 -24.00
C TYR E 122 -21.42 27.14 -23.64
N ILE E 123 -20.97 28.38 -23.43
CA ILE E 123 -19.59 28.60 -23.00
C ILE E 123 -19.35 27.92 -21.66
N ILE E 124 -20.33 27.95 -20.77
CA ILE E 124 -20.14 27.41 -19.42
C ILE E 124 -19.86 25.91 -19.49
N TYR E 125 -20.72 25.15 -20.17
CA TYR E 125 -20.47 23.70 -20.14
C TYR E 125 -19.37 23.30 -21.12
N THR E 126 -19.08 24.13 -22.13
CA THR E 126 -17.92 23.85 -22.96
C THR E 126 -16.64 23.97 -22.14
N VAL E 127 -16.52 25.03 -21.35
CA VAL E 127 -15.36 25.19 -20.48
C VAL E 127 -15.31 24.08 -19.44
N GLY E 128 -16.47 23.74 -18.86
CA GLY E 128 -16.51 22.66 -17.89
C GLY E 128 -16.05 21.33 -18.46
N TYR E 129 -16.55 20.99 -19.65
CA TYR E 129 -16.15 19.75 -20.31
C TYR E 129 -14.69 19.76 -20.69
N ALA E 130 -14.16 20.90 -21.16
CA ALA E 130 -12.74 20.96 -21.49
C ALA E 130 -11.87 20.78 -20.25
N LEU E 131 -12.23 21.44 -19.15
CA LEU E 131 -11.48 21.30 -17.92
C LEU E 131 -11.56 19.87 -17.40
N SER E 132 -12.74 19.26 -17.47
CA SER E 132 -12.88 17.86 -17.06
C SER E 132 -12.05 16.95 -17.94
N PHE E 133 -12.04 17.19 -19.26
CA PHE E 133 -11.25 16.37 -20.16
C PHE E 133 -9.77 16.45 -19.82
N SER E 134 -9.27 17.67 -19.59
CA SER E 134 -7.86 17.84 -19.25
C SER E 134 -7.53 17.16 -17.92
N ALA E 135 -8.35 17.40 -16.90
CA ALA E 135 -8.10 16.82 -15.59
C ALA E 135 -8.17 15.30 -15.62
N LEU E 136 -9.13 14.73 -16.35
CA LEU E 136 -9.27 13.29 -16.44
C LEU E 136 -8.14 12.65 -17.25
N VAL E 137 -7.67 13.30 -18.31
CA VAL E 137 -6.51 12.80 -19.03
C VAL E 137 -5.29 12.79 -18.11
N ILE E 138 -5.09 13.87 -17.35
CA ILE E 138 -3.96 13.93 -16.43
C ILE E 138 -4.08 12.85 -15.36
N ALA E 139 -5.28 12.65 -14.82
CA ALA E 139 -5.50 11.63 -13.79
C ALA E 139 -5.26 10.23 -14.34
N SER E 140 -5.72 9.96 -15.55
CA SER E 140 -5.48 8.65 -16.16
C SER E 140 -4.00 8.43 -16.39
N ALA E 141 -3.28 9.44 -16.86
CA ALA E 141 -1.84 9.33 -17.03
C ALA E 141 -1.15 9.06 -15.70
N ILE E 142 -1.57 9.75 -14.63
CA ILE E 142 -0.97 9.55 -13.32
C ILE E 142 -1.20 8.11 -12.83
N LEU E 143 -2.46 7.65 -12.89
CA LEU E 143 -2.79 6.33 -12.39
C LEU E 143 -2.15 5.22 -13.22
N LEU E 144 -1.93 5.43 -14.51
CA LEU E 144 -1.25 4.43 -15.33
C LEU E 144 0.26 4.56 -15.27
N GLY E 145 0.78 5.68 -14.76
CA GLY E 145 2.22 5.86 -14.74
C GLY E 145 2.86 5.44 -13.43
N PHE E 146 2.22 5.77 -12.29
CA PHE E 146 2.82 5.43 -11.01
C PHE E 146 2.97 3.93 -10.79
N ARG E 147 1.97 3.13 -11.17
CA ARG E 147 2.02 1.67 -11.18
C ARG E 147 1.96 1.12 -9.76
N HIS E 148 2.08 1.98 -8.76
CA HIS E 148 1.76 1.57 -7.39
C HIS E 148 0.27 1.68 -7.13
N LEU E 149 -0.43 2.44 -7.97
CA LEU E 149 -1.86 2.69 -7.78
C LEU E 149 -2.72 1.63 -8.45
N HIS E 150 -2.12 0.71 -9.22
CA HIS E 150 -2.87 -0.30 -9.93
C HIS E 150 -3.61 -1.21 -8.96
N CYS E 151 -4.94 -1.11 -8.97
CA CYS E 151 -5.80 -1.94 -8.14
C CYS E 151 -7.19 -1.92 -8.74
N THR E 152 -8.06 -2.80 -8.23
CA THR E 152 -9.41 -2.91 -8.77
C THR E 152 -10.18 -1.59 -8.62
N ARG E 153 -10.05 -0.94 -7.46
CA ARG E 153 -10.67 0.36 -7.27
C ARG E 153 -10.17 1.37 -8.29
N ASN E 154 -8.86 1.43 -8.48
CA ASN E 154 -8.29 2.34 -9.46
C ASN E 154 -8.56 1.92 -10.89
N TYR E 155 -8.70 0.61 -11.16
CA TYR E 155 -9.13 0.19 -12.48
C TYR E 155 -10.54 0.68 -12.79
N ILE E 156 -11.46 0.58 -11.83
CA ILE E 156 -12.80 1.10 -12.02
C ILE E 156 -12.76 2.61 -12.16
N HIS E 157 -11.89 3.28 -11.41
CA HIS E 157 -11.73 4.73 -11.53
C HIS E 157 -11.26 5.11 -12.93
N LEU E 158 -10.29 4.37 -13.47
CA LEU E 158 -9.79 4.64 -14.81
C LEU E 158 -10.87 4.39 -15.87
N ASN E 159 -11.66 3.33 -15.68
CA ASN E 159 -12.75 3.08 -16.62
C ASN E 159 -13.79 4.19 -16.57
N LEU E 160 -14.13 4.67 -15.38
CA LEU E 160 -15.07 5.78 -15.25
C LEU E 160 -14.48 7.05 -15.88
N PHE E 161 -13.18 7.27 -15.70
CA PHE E 161 -12.53 8.41 -16.33
C PHE E 161 -12.59 8.30 -17.84
N ALA E 162 -12.39 7.10 -18.38
CA ALA E 162 -12.50 6.90 -19.82
C ALA E 162 -13.91 7.14 -20.32
N SER E 163 -14.91 6.71 -19.56
CA SER E 163 -16.30 6.99 -19.92
C SER E 163 -16.59 8.48 -19.93
N PHE E 164 -16.10 9.21 -18.92
CA PHE E 164 -16.26 10.66 -18.89
C PHE E 164 -15.54 11.32 -20.06
N ILE E 165 -14.36 10.81 -20.41
CA ILE E 165 -13.63 11.33 -21.56
C ILE E 165 -14.41 11.12 -22.84
N LEU E 166 -15.03 9.94 -22.97
CA LEU E 166 -15.86 9.66 -24.15
C LEU E 166 -17.07 10.59 -24.20
N ARG E 167 -17.70 10.85 -23.06
CA ARG E 167 -18.82 11.79 -23.04
C ARG E 167 -18.36 13.20 -23.45
N ALA E 168 -17.23 13.64 -22.93
CA ALA E 168 -16.70 14.95 -23.29
C ALA E 168 -16.36 15.02 -24.77
N LEU E 169 -15.77 13.96 -25.31
CA LEU E 169 -15.47 13.92 -26.73
C LEU E 169 -16.73 13.93 -27.57
N SER E 170 -17.78 13.23 -27.11
CA SER E 170 -19.05 13.26 -27.83
C SER E 170 -19.64 14.66 -27.84
N VAL E 171 -19.53 15.39 -26.73
CA VAL E 171 -19.99 16.77 -26.68
C VAL E 171 -19.16 17.66 -27.61
N PHE E 172 -17.84 17.51 -27.57
CA PHE E 172 -16.97 18.36 -28.40
C PHE E 172 -17.18 18.11 -29.88
N ILE E 173 -17.26 16.83 -30.29
CA ILE E 173 -17.48 16.51 -31.68
C ILE E 173 -18.84 17.02 -32.15
N LYS E 174 -19.87 16.87 -31.31
CA LYS E 174 -21.18 17.41 -31.66
C LYS E 174 -21.12 18.92 -31.87
N ASP E 175 -20.52 19.65 -30.92
CA ASP E 175 -20.45 21.09 -31.03
C ASP E 175 -19.66 21.53 -32.25
N ALA E 176 -18.52 20.89 -32.49
CA ALA E 176 -17.69 21.25 -33.65
C ALA E 176 -18.40 20.94 -34.96
N ALA E 177 -19.09 19.79 -35.04
CA ALA E 177 -19.80 19.44 -36.26
C ALA E 177 -20.93 20.42 -36.53
N LEU E 178 -21.70 20.77 -35.50
CA LEU E 178 -22.78 21.74 -35.69
C LEU E 178 -22.21 23.10 -36.10
N LYS E 179 -21.10 23.53 -35.48
CA LYS E 179 -20.51 24.81 -35.81
C LYS E 179 -20.03 24.83 -37.26
N TRP E 180 -19.32 23.78 -37.68
CA TRP E 180 -18.81 23.72 -39.05
C TRP E 180 -19.96 23.66 -40.05
N MET E 181 -20.99 22.87 -39.76
CA MET E 181 -22.11 22.72 -40.68
C MET E 181 -22.94 23.99 -40.76
N TYR E 182 -23.01 24.76 -39.68
CA TYR E 182 -23.68 26.05 -39.71
C TYR E 182 -22.86 27.09 -40.47
N SER E 183 -21.53 27.06 -40.30
CA SER E 183 -20.68 27.96 -41.06
C SER E 183 -20.76 27.68 -42.56
N THR E 184 -20.78 26.40 -42.94
CA THR E 184 -20.98 26.06 -44.35
C THR E 184 -22.39 26.38 -44.83
N ALA E 185 -23.35 26.51 -43.91
CA ALA E 185 -24.73 26.85 -44.25
C ALA E 185 -24.99 28.35 -44.22
N ALA E 186 -23.96 29.17 -43.99
CA ALA E 186 -24.16 30.60 -43.90
C ALA E 186 -24.51 31.19 -45.26
N GLN E 187 -25.45 32.14 -45.26
CA GLN E 187 -25.96 32.86 -46.44
C GLN E 187 -26.19 31.95 -47.65
N GLN E 188 -26.68 30.73 -47.41
CA GLN E 188 -27.07 29.85 -48.50
C GLN E 188 -28.18 28.93 -48.00
N HIS E 189 -29.01 28.47 -48.94
CA HIS E 189 -30.19 27.68 -48.60
C HIS E 189 -30.39 26.47 -49.50
N GLN E 190 -29.37 26.09 -50.28
CA GLN E 190 -29.49 24.88 -51.09
C GLN E 190 -29.23 23.61 -50.29
N TRP E 191 -28.28 23.65 -49.36
CA TRP E 191 -28.08 22.62 -48.34
C TRP E 191 -27.90 21.21 -48.90
N ASP E 192 -27.35 21.07 -50.11
CA ASP E 192 -27.21 19.75 -50.71
C ASP E 192 -26.30 18.84 -49.90
N GLY E 193 -25.19 19.36 -49.37
CA GLY E 193 -24.38 18.57 -48.47
C GLY E 193 -25.13 18.12 -47.24
N LEU E 194 -26.04 18.97 -46.75
CA LEU E 194 -26.91 18.59 -45.65
C LEU E 194 -27.92 17.53 -46.01
N LEU E 195 -28.39 17.49 -47.26
CA LEU E 195 -29.18 16.37 -47.74
C LEU E 195 -28.35 15.10 -47.71
N SER E 196 -27.12 15.18 -48.24
CA SER E 196 -26.27 14.00 -48.34
C SER E 196 -25.92 13.45 -46.96
N TYR E 197 -25.60 14.32 -46.01
CA TYR E 197 -25.22 13.85 -44.68
C TYR E 197 -26.42 13.32 -43.90
N GLN E 198 -27.53 14.04 -43.93
CA GLN E 198 -28.70 13.61 -43.16
C GLN E 198 -29.34 12.36 -43.74
N ASP E 199 -29.18 12.12 -45.04
CA ASP E 199 -29.67 10.89 -45.64
C ASP E 199 -28.66 9.75 -45.56
N SER E 200 -27.48 10.01 -45.02
CA SER E 200 -26.43 9.00 -44.90
C SER E 200 -26.53 8.29 -43.56
N LEU E 201 -25.98 7.07 -43.52
CA LEU E 201 -26.00 6.29 -42.28
C LEU E 201 -24.94 6.76 -41.30
N SER E 202 -23.95 7.54 -41.77
CA SER E 202 -22.87 7.98 -40.90
C SER E 202 -23.38 8.87 -39.77
N CYS E 203 -24.34 9.75 -40.08
CA CYS E 203 -24.90 10.63 -39.07
C CYS E 203 -25.62 9.82 -37.99
N ARG E 204 -26.39 8.81 -38.40
CA ARG E 204 -27.06 7.96 -37.43
C ARG E 204 -26.06 7.16 -36.60
N LEU E 205 -24.97 6.69 -37.22
CA LEU E 205 -23.95 5.98 -36.47
C LEU E 205 -23.28 6.88 -35.44
N VAL E 206 -23.00 8.13 -35.80
CA VAL E 206 -22.40 9.07 -34.85
C VAL E 206 -23.36 9.35 -33.70
N PHE E 207 -24.65 9.52 -34.01
CA PHE E 207 -25.64 9.71 -32.96
C PHE E 207 -25.71 8.52 -32.03
N LEU E 208 -25.69 7.31 -32.59
CA LEU E 208 -25.70 6.10 -31.77
C LEU E 208 -24.46 6.01 -30.91
N LEU E 209 -23.30 6.39 -31.46
CA LEU E 209 -22.05 6.35 -30.70
C LEU E 209 -22.10 7.34 -29.53
N MET E 210 -22.63 8.54 -29.75
CA MET E 210 -22.74 9.51 -28.66
C MET E 210 -23.72 9.04 -27.59
N GLN E 211 -24.85 8.48 -28.00
CA GLN E 211 -25.79 7.94 -27.03
C GLN E 211 -25.17 6.79 -26.23
N TYR E 212 -24.41 5.93 -26.90
CA TYR E 212 -23.71 4.86 -26.19
C TYR E 212 -22.69 5.42 -25.23
N CYS E 213 -21.99 6.49 -25.61
CA CYS E 213 -21.02 7.09 -24.69
C CYS E 213 -21.70 7.64 -23.44
N VAL E 214 -22.85 8.32 -23.62
CA VAL E 214 -23.58 8.84 -22.46
C VAL E 214 -24.07 7.71 -21.57
N ALA E 215 -24.64 6.66 -22.19
CA ALA E 215 -25.12 5.52 -21.41
C ALA E 215 -23.97 4.82 -20.70
N ALA E 216 -22.81 4.71 -21.35
CA ALA E 216 -21.65 4.10 -20.73
C ALA E 216 -21.14 4.92 -19.55
N ASN E 217 -21.15 6.24 -19.66
CA ASN E 217 -20.77 7.07 -18.52
C ASN E 217 -21.72 6.87 -17.35
N TYR E 218 -23.04 6.87 -17.62
CA TYR E 218 -23.99 6.63 -16.54
C TYR E 218 -23.81 5.25 -15.91
N TYR E 219 -23.62 4.22 -16.74
CA TYR E 219 -23.50 2.88 -16.20
C TYR E 219 -22.13 2.63 -15.56
N TRP E 220 -21.12 3.43 -15.89
CA TRP E 220 -19.86 3.34 -15.16
C TRP E 220 -19.95 4.04 -13.82
N LEU E 221 -20.73 5.13 -13.72
CA LEU E 221 -21.09 5.63 -12.41
C LEU E 221 -21.81 4.55 -11.61
N LEU E 222 -22.73 3.84 -12.26
CA LEU E 222 -23.44 2.73 -11.61
C LEU E 222 -22.47 1.64 -11.15
N VAL E 223 -21.50 1.31 -12.00
CA VAL E 223 -20.53 0.27 -11.67
C VAL E 223 -19.67 0.68 -10.48
N GLU E 224 -19.24 1.94 -10.45
CA GLU E 224 -18.47 2.43 -9.30
C GLU E 224 -19.30 2.35 -8.02
N GLY E 225 -20.58 2.74 -8.09
CA GLY E 225 -21.43 2.63 -6.93
C GLY E 225 -21.61 1.20 -6.46
N VAL E 226 -21.82 0.28 -7.41
CA VAL E 226 -21.99 -1.13 -7.07
C VAL E 226 -20.72 -1.71 -6.47
N TYR E 227 -19.56 -1.32 -7.02
CA TYR E 227 -18.29 -1.80 -6.47
C TYR E 227 -18.08 -1.31 -5.05
N LEU E 228 -18.41 -0.04 -4.79
CA LEU E 228 -18.30 0.47 -3.43
C LEU E 228 -19.26 -0.27 -2.49
N TYR E 229 -20.48 -0.51 -2.94
CA TYR E 229 -21.46 -1.22 -2.11
C TYR E 229 -20.97 -2.63 -1.79
N THR E 230 -20.44 -3.33 -2.79
CA THR E 230 -19.92 -4.68 -2.57
C THR E 230 -18.69 -4.68 -1.66
N LEU E 231 -17.83 -3.67 -1.77
CA LEU E 231 -16.71 -3.56 -0.84
C LEU E 231 -17.17 -3.30 0.58
N LEU E 232 -18.29 -2.59 0.74
CA LEU E 232 -18.79 -2.28 2.08
C LEU E 232 -19.73 -3.36 2.62
N ALA E 233 -20.70 -3.80 1.80
CA ALA E 233 -21.75 -4.67 2.31
C ALA E 233 -21.49 -6.15 2.08
N PHE E 234 -20.55 -6.51 1.20
CA PHE E 234 -20.30 -7.90 0.85
C PHE E 234 -18.89 -8.30 1.21
N SER E 235 -18.67 -9.61 1.35
CA SER E 235 -17.38 -10.14 1.73
C SER E 235 -16.39 -10.05 0.57
N VAL E 236 -15.20 -10.60 0.80
CA VAL E 236 -14.14 -10.57 -0.21
C VAL E 236 -14.53 -11.49 -1.37
N LEU E 237 -14.77 -10.89 -2.53
CA LEU E 237 -15.16 -11.65 -3.71
C LEU E 237 -13.94 -12.02 -4.53
N SER E 238 -14.19 -12.62 -5.70
CA SER E 238 -13.14 -13.00 -6.64
C SER E 238 -12.81 -11.76 -7.48
N GLU E 239 -11.56 -11.31 -7.38
CA GLU E 239 -11.18 -10.03 -7.97
C GLU E 239 -11.22 -10.06 -9.49
N GLN E 240 -10.60 -11.07 -10.13
CA GLN E 240 -10.48 -11.06 -11.57
C GLN E 240 -11.85 -11.18 -12.24
N TRP E 241 -12.74 -12.00 -11.69
CA TRP E 241 -14.03 -12.21 -12.32
C TRP E 241 -14.93 -11.00 -12.12
N ILE E 242 -14.90 -10.40 -10.93
CA ILE E 242 -15.75 -9.24 -10.69
C ILE E 242 -15.25 -8.03 -11.48
N PHE E 243 -13.94 -7.94 -11.71
CA PHE E 243 -13.43 -6.84 -12.53
C PHE E 243 -13.93 -6.96 -13.97
N ARG E 244 -13.87 -8.16 -14.54
CA ARG E 244 -14.37 -8.35 -15.90
C ARG E 244 -15.88 -8.17 -15.96
N LEU E 245 -16.59 -8.60 -14.93
CA LEU E 245 -18.03 -8.38 -14.88
C LEU E 245 -18.37 -6.90 -14.84
N TYR E 246 -17.63 -6.12 -14.05
CA TYR E 246 -17.84 -4.68 -14.00
C TYR E 246 -17.51 -4.02 -15.32
N VAL E 247 -16.44 -4.47 -15.99
CA VAL E 247 -16.09 -3.94 -17.29
C VAL E 247 -17.20 -4.22 -18.30
N SER E 248 -17.74 -5.44 -18.29
CA SER E 248 -18.83 -5.79 -19.19
C SER E 248 -20.08 -4.98 -18.89
N ILE E 249 -20.39 -4.75 -17.61
CA ILE E 249 -21.57 -3.96 -17.27
C ILE E 249 -21.39 -2.51 -17.70
N GLY E 250 -20.19 -1.96 -17.51
CA GLY E 250 -19.96 -0.58 -17.90
C GLY E 250 -19.97 -0.37 -19.40
N TRP E 251 -19.39 -1.31 -20.16
CA TRP E 251 -19.25 -1.14 -21.60
C TRP E 251 -20.26 -1.96 -22.42
N GLY E 252 -20.62 -3.15 -21.96
CA GLY E 252 -21.46 -4.02 -22.76
C GLY E 252 -22.95 -3.83 -22.53
N VAL E 253 -23.36 -3.71 -21.28
CA VAL E 253 -24.77 -3.53 -20.91
C VAL E 253 -25.36 -2.32 -21.63
N PRO E 254 -24.65 -1.19 -21.77
CA PRO E 254 -25.19 -0.10 -22.61
C PRO E 254 -25.57 -0.53 -24.01
N LEU E 255 -24.86 -1.50 -24.58
CA LEU E 255 -25.22 -2.00 -25.91
C LEU E 255 -26.53 -2.77 -25.87
N LEU E 256 -26.89 -3.31 -24.70
CA LEU E 256 -28.17 -4.03 -24.58
C LEU E 256 -29.38 -3.12 -24.63
N PHE E 257 -29.28 -1.80 -24.54
CA PHE E 257 -30.44 -0.93 -24.78
C PHE E 257 -30.20 0.18 -25.79
N VAL E 258 -28.98 0.71 -25.93
CA VAL E 258 -28.72 1.73 -26.94
C VAL E 258 -28.87 1.15 -28.34
N VAL E 259 -28.30 -0.01 -28.59
CA VAL E 259 -28.39 -0.67 -29.89
C VAL E 259 -29.84 -1.05 -30.19
N PRO E 260 -30.59 -1.67 -29.25
CA PRO E 260 -32.02 -1.88 -29.52
C PRO E 260 -32.80 -0.60 -29.76
N TRP E 261 -32.47 0.49 -29.05
CA TRP E 261 -33.13 1.76 -29.29
C TRP E 261 -32.87 2.24 -30.71
N GLY E 262 -31.61 2.16 -31.16
CA GLY E 262 -31.29 2.55 -32.52
C GLY E 262 -31.99 1.68 -33.56
N ILE E 263 -32.05 0.37 -33.31
CA ILE E 263 -32.71 -0.54 -34.23
C ILE E 263 -34.20 -0.22 -34.33
N VAL E 264 -34.84 0.02 -33.18
CA VAL E 264 -36.27 0.33 -33.18
C VAL E 264 -36.52 1.66 -33.90
N LYS E 265 -35.68 2.66 -33.63
CA LYS E 265 -35.86 3.96 -34.30
C LYS E 265 -35.67 3.83 -35.80
N TYR E 266 -34.69 3.05 -36.24
CA TYR E 266 -34.47 2.84 -37.67
C TYR E 266 -35.65 2.10 -38.30
N LEU E 267 -36.17 1.08 -37.61
CA LEU E 267 -37.22 0.25 -38.20
C LEU E 267 -38.57 0.95 -38.22
N TYR E 268 -38.85 1.82 -37.25
CA TYR E 268 -40.17 2.43 -37.12
C TYR E 268 -40.22 3.91 -37.43
N GLU E 269 -39.11 4.64 -37.33
CA GLU E 269 -39.13 6.07 -37.65
C GLU E 269 -38.29 6.36 -38.87
N ASP E 270 -37.00 6.01 -38.82
CA ASP E 270 -36.10 6.09 -39.97
C ASP E 270 -35.95 7.50 -40.54
N GLU E 271 -36.52 8.49 -39.86
CA GLU E 271 -36.52 9.84 -40.41
C GLU E 271 -35.90 10.82 -39.40
N GLY E 272 -35.29 11.87 -39.94
CA GLY E 272 -34.71 12.91 -39.11
C GLY E 272 -33.46 12.52 -38.35
N CYS E 273 -32.81 11.42 -38.74
CA CYS E 273 -31.61 10.93 -38.07
C CYS E 273 -31.86 10.71 -36.58
N TRP E 274 -33.01 10.09 -36.29
CA TRP E 274 -33.37 9.65 -34.94
C TRP E 274 -33.51 10.83 -33.98
N THR E 275 -33.51 12.06 -34.52
CA THR E 275 -33.60 13.24 -33.65
C THR E 275 -35.00 13.42 -33.09
N ARG E 276 -36.03 13.27 -33.92
CA ARG E 276 -37.41 13.50 -33.49
C ARG E 276 -37.95 12.24 -32.84
N ASN E 277 -38.26 12.33 -31.54
CA ASN E 277 -38.93 11.21 -30.87
C ASN E 277 -40.31 10.97 -31.44
N SER E 278 -41.22 11.94 -31.30
CA SER E 278 -42.55 11.94 -31.90
C SER E 278 -43.42 10.80 -31.38
N ASN E 279 -42.89 10.00 -30.45
CA ASN E 279 -43.66 8.89 -29.88
C ASN E 279 -43.65 8.94 -28.35
N MET E 280 -42.51 9.33 -27.76
CA MET E 280 -42.29 9.38 -26.32
C MET E 280 -42.14 7.97 -25.76
N ASN E 281 -42.37 6.96 -26.61
CA ASN E 281 -42.15 5.58 -26.19
C ASN E 281 -40.74 5.11 -26.54
N TYR E 282 -40.21 5.52 -27.69
CA TYR E 282 -38.84 5.18 -28.05
C TYR E 282 -37.82 5.95 -27.24
N TRP E 283 -38.22 7.07 -26.63
CA TRP E 283 -37.33 7.76 -25.71
C TRP E 283 -37.19 7.01 -24.39
N LEU E 284 -38.23 6.30 -23.98
CA LEU E 284 -38.19 5.61 -22.69
C LEU E 284 -37.36 4.34 -22.75
N ILE E 285 -37.24 3.72 -23.93
CA ILE E 285 -36.57 2.43 -24.03
C ILE E 285 -35.06 2.60 -23.91
N ILE E 286 -34.60 3.85 -23.80
CA ILE E 286 -33.18 4.12 -23.61
C ILE E 286 -33.01 4.95 -22.33
N ARG E 287 -34.06 5.66 -21.93
CA ARG E 287 -33.99 6.46 -20.71
C ARG E 287 -34.23 5.62 -19.46
N LEU E 288 -35.07 4.60 -19.54
CA LEU E 288 -35.39 3.74 -18.41
C LEU E 288 -34.14 3.06 -17.84
N PRO E 289 -33.23 2.52 -18.67
CA PRO E 289 -31.95 2.06 -18.10
C PRO E 289 -31.18 3.16 -17.40
N ILE E 290 -31.17 4.37 -17.96
CA ILE E 290 -30.44 5.48 -17.36
C ILE E 290 -31.09 5.87 -16.03
N LEU E 291 -32.42 5.96 -16.00
CA LEU E 291 -33.11 6.29 -14.76
C LEU E 291 -32.94 5.19 -13.72
N PHE E 292 -32.92 3.92 -14.15
CA PHE E 292 -32.68 2.82 -13.22
C PHE E 292 -31.27 2.91 -12.63
N ALA E 293 -30.28 3.22 -13.46
CA ALA E 293 -28.93 3.39 -12.96
C ALA E 293 -28.85 4.56 -11.97
N ILE E 294 -29.54 5.65 -12.28
CA ILE E 294 -29.55 6.81 -11.38
C ILE E 294 -30.19 6.44 -10.05
N GLY E 295 -31.30 5.69 -10.09
CA GLY E 295 -31.96 5.30 -8.86
C GLY E 295 -31.13 4.34 -8.03
N VAL E 296 -30.46 3.39 -8.67
CA VAL E 296 -29.60 2.47 -7.93
C VAL E 296 -28.41 3.22 -7.35
N ASN E 297 -27.86 4.19 -8.08
CA ASN E 297 -26.81 5.03 -7.53
C ASN E 297 -27.28 5.84 -6.34
N PHE E 298 -28.50 6.39 -6.39
CA PHE E 298 -29.04 7.11 -5.25
C PHE E 298 -29.21 6.20 -4.05
N LEU E 299 -29.72 4.98 -4.27
CA LEU E 299 -29.88 4.03 -3.17
C LEU E 299 -28.53 3.65 -2.56
N ILE E 300 -27.52 3.41 -3.41
CA ILE E 300 -26.19 3.08 -2.92
C ILE E 300 -25.59 4.26 -2.16
N PHE E 301 -25.83 5.48 -2.65
CA PHE E 301 -25.36 6.67 -1.96
C PHE E 301 -25.99 6.78 -0.57
N VAL E 302 -27.29 6.53 -0.48
CA VAL E 302 -27.97 6.58 0.81
C VAL E 302 -27.41 5.51 1.74
N ARG E 303 -27.18 4.30 1.22
CA ARG E 303 -26.63 3.22 2.04
C ARG E 303 -25.24 3.56 2.54
N VAL E 304 -24.40 4.13 1.69
CA VAL E 304 -23.04 4.46 2.08
C VAL E 304 -23.04 5.60 3.10
N ILE E 305 -23.94 6.57 2.93
CA ILE E 305 -24.06 7.65 3.91
C ILE E 305 -24.53 7.10 5.25
N CYS E 306 -25.46 6.14 5.24
CA CYS E 306 -25.89 5.50 6.49
C CYS E 306 -24.72 4.76 7.14
N ILE E 307 -23.91 4.07 6.35
CA ILE E 307 -22.74 3.37 6.89
C ILE E 307 -21.77 4.35 7.51
N VAL E 308 -21.53 5.49 6.85
CA VAL E 308 -20.62 6.51 7.38
C VAL E 308 -21.18 7.08 8.68
N VAL E 309 -22.50 7.32 8.73
CA VAL E 309 -23.12 7.82 9.95
C VAL E 309 -22.94 6.83 11.08
N SER E 310 -23.13 5.53 10.79
CA SER E 310 -22.93 4.51 11.81
C SER E 310 -21.49 4.48 12.28
N LYS E 311 -20.54 4.62 11.37
CA LYS E 311 -19.13 4.63 11.74
C LYS E 311 -18.77 5.82 12.62
N LEU E 312 -19.26 7.02 12.28
CA LEU E 312 -18.97 8.19 13.09
C LEU E 312 -19.67 8.16 14.44
N LYS E 313 -20.90 7.67 14.49
CA LYS E 313 -21.62 7.61 15.76
C LYS E 313 -20.98 6.61 16.72
N ALA E 314 -20.25 5.63 16.19
CA ALA E 314 -19.58 4.64 17.02
C ALA E 314 -18.37 5.23 17.71
N ASP E 321 -18.94 18.22 15.18
CA ASP E 321 -18.04 17.06 15.27
C ASP E 321 -18.29 16.09 14.12
N ILE E 322 -19.50 15.53 14.09
CA ILE E 322 -19.85 14.58 13.03
C ILE E 322 -20.33 15.31 11.78
N LYS E 323 -20.89 16.51 11.94
CA LYS E 323 -21.48 17.22 10.81
C LYS E 323 -20.43 17.55 9.75
N CYS E 324 -19.25 18.01 10.17
CA CYS E 324 -18.22 18.39 9.20
C CYS E 324 -17.70 17.18 8.42
N ARG E 325 -17.39 16.08 9.12
CA ARG E 325 -16.87 14.89 8.46
C ARG E 325 -17.92 14.30 7.53
N LEU E 326 -19.18 14.22 7.98
CA LEU E 326 -20.24 13.69 7.15
C LEU E 326 -20.48 14.58 5.93
N ALA E 327 -20.44 15.89 6.12
CA ALA E 327 -20.61 16.81 4.99
C ALA E 327 -19.50 16.65 3.96
N LYS E 328 -18.25 16.52 4.43
CA LYS E 328 -17.14 16.34 3.51
C LYS E 328 -17.27 15.01 2.77
N SER E 329 -17.68 13.95 3.46
CA SER E 329 -17.89 12.67 2.82
C SER E 329 -18.99 12.75 1.77
N THR E 330 -20.09 13.44 2.09
CA THR E 330 -21.19 13.58 1.15
C THR E 330 -20.76 14.37 -0.08
N LEU E 331 -20.03 15.47 0.12
CA LEU E 331 -19.56 16.27 -1.01
C LEU E 331 -18.53 15.54 -1.85
N THR E 332 -17.75 14.63 -1.25
CA THR E 332 -16.84 13.82 -2.03
C THR E 332 -17.57 12.74 -2.81
N LEU E 333 -18.60 12.14 -2.22
CA LEU E 333 -19.29 11.02 -2.83
C LEU E 333 -20.31 11.43 -3.88
N ILE E 334 -20.85 12.66 -3.81
CA ILE E 334 -21.87 13.08 -4.76
C ILE E 334 -21.37 13.04 -6.21
N PRO E 335 -20.21 13.63 -6.55
CA PRO E 335 -19.76 13.54 -7.95
C PRO E 335 -19.47 12.12 -8.40
N LEU E 336 -18.97 11.26 -7.50
CA LEU E 336 -18.58 9.91 -7.90
C LEU E 336 -19.78 9.09 -8.35
N LEU E 337 -20.90 9.20 -7.66
CA LEU E 337 -22.07 8.40 -7.96
C LEU E 337 -23.10 9.13 -8.83
N GLY E 338 -22.83 10.38 -9.21
CA GLY E 338 -23.81 11.14 -9.97
C GLY E 338 -25.10 11.38 -9.22
N THR E 339 -25.01 11.76 -7.94
CA THR E 339 -26.20 11.90 -7.11
C THR E 339 -27.09 13.05 -7.57
N HIS E 340 -26.54 14.06 -8.23
CA HIS E 340 -27.35 15.20 -8.67
C HIS E 340 -28.39 14.79 -9.70
N GLU E 341 -28.22 13.64 -10.34
CA GLU E 341 -29.16 13.20 -11.36
C GLU E 341 -30.53 12.84 -10.79
N VAL E 342 -30.61 12.39 -9.53
CA VAL E 342 -31.90 12.05 -8.96
C VAL E 342 -32.74 13.29 -8.72
N ILE E 343 -32.13 14.43 -8.40
CA ILE E 343 -32.90 15.66 -8.24
C ILE E 343 -33.07 16.37 -9.58
N PHE E 344 -32.19 16.11 -10.54
CA PHE E 344 -32.40 16.63 -11.88
C PHE E 344 -33.54 15.92 -12.59
N ALA E 345 -33.73 14.63 -12.34
CA ALA E 345 -34.80 13.86 -12.97
C ALA E 345 -36.11 14.03 -12.21
N GLY E 354 -40.88 21.71 -19.79
CA GLY E 354 -41.79 22.48 -20.61
C GLY E 354 -42.24 23.77 -19.94
N THR E 355 -42.30 23.75 -18.62
CA THR E 355 -42.69 24.92 -17.82
C THR E 355 -41.52 25.30 -16.93
N LEU E 356 -40.88 26.43 -17.27
CA LEU E 356 -39.69 26.92 -16.56
C LEU E 356 -38.60 25.85 -16.52
N ARG E 357 -38.34 25.24 -17.68
CA ARG E 357 -37.22 24.33 -17.83
C ARG E 357 -35.89 25.09 -17.91
N PHE E 358 -35.95 26.42 -17.86
CA PHE E 358 -34.78 27.28 -17.90
C PHE E 358 -33.76 26.88 -16.83
N ILE E 359 -34.12 27.09 -15.56
CA ILE E 359 -33.18 26.91 -14.46
C ILE E 359 -32.77 25.44 -14.34
N LYS E 360 -33.71 24.52 -14.56
CA LYS E 360 -33.38 23.10 -14.46
C LYS E 360 -32.34 22.72 -15.50
N LEU E 361 -32.49 23.21 -16.74
CA LEU E 361 -31.54 22.91 -17.79
C LEU E 361 -30.16 23.49 -17.48
N PHE E 362 -30.11 24.75 -17.02
CA PHE E 362 -28.81 25.31 -16.64
C PHE E 362 -28.15 24.52 -15.52
N THR E 363 -28.92 24.17 -14.48
CA THR E 363 -28.32 23.45 -13.36
C THR E 363 -27.82 22.07 -13.79
N GLU E 364 -28.63 21.35 -14.57
CA GLU E 364 -28.23 20.02 -15.02
C GLU E 364 -26.97 20.08 -15.86
N LEU E 365 -26.93 20.95 -16.87
CA LEU E 365 -25.75 21.01 -17.72
C LEU E 365 -24.52 21.50 -16.95
N SER E 366 -24.69 22.51 -16.09
CA SER E 366 -23.57 23.02 -15.32
C SER E 366 -22.98 21.96 -14.38
N PHE E 367 -23.82 21.15 -13.74
CA PHE E 367 -23.28 20.12 -12.85
C PHE E 367 -22.71 18.94 -13.65
N THR E 368 -23.35 18.59 -14.77
CA THR E 368 -22.87 17.47 -15.56
C THR E 368 -21.51 17.74 -16.18
N SER E 369 -21.30 18.97 -16.70
CA SER E 369 -20.03 19.29 -17.33
C SER E 369 -18.88 19.25 -16.32
N PHE E 370 -19.12 19.75 -15.11
CA PHE E 370 -18.07 19.79 -14.09
C PHE E 370 -18.01 18.53 -13.24
N GLN E 371 -18.92 17.56 -13.45
CA GLN E 371 -18.85 16.32 -12.69
C GLN E 371 -17.55 15.58 -12.94
N GLY E 372 -17.11 15.50 -14.20
CA GLY E 372 -15.84 14.86 -14.49
C GLY E 372 -14.66 15.54 -13.83
N LEU E 373 -14.63 16.87 -13.86
CA LEU E 373 -13.56 17.61 -13.19
C LEU E 373 -13.57 17.36 -11.69
N MET E 374 -14.76 17.38 -11.08
CA MET E 374 -14.86 17.15 -9.64
C MET E 374 -14.39 15.74 -9.28
N VAL E 375 -14.81 14.74 -10.05
CA VAL E 375 -14.41 13.36 -9.77
C VAL E 375 -12.89 13.23 -9.91
N ALA E 376 -12.33 13.77 -11.00
CA ALA E 376 -10.90 13.68 -11.21
C ALA E 376 -10.13 14.34 -10.09
N ILE E 377 -10.53 15.56 -9.68
CA ILE E 377 -9.85 16.24 -8.60
C ILE E 377 -9.94 15.44 -7.31
N LEU E 378 -11.16 15.05 -6.94
CA LEU E 378 -11.38 14.41 -5.64
C LEU E 378 -10.70 13.05 -5.53
N TYR E 379 -10.55 12.32 -6.63
CA TYR E 379 -10.03 10.96 -6.55
C TYR E 379 -8.62 10.82 -7.12
N CYS E 380 -8.04 11.87 -7.69
CA CYS E 380 -6.62 11.81 -8.05
C CYS E 380 -5.83 12.92 -7.35
N PHE E 381 -6.28 14.17 -7.49
CA PHE E 381 -5.43 15.29 -7.10
C PHE E 381 -5.39 15.49 -5.59
N VAL E 382 -6.48 15.19 -4.89
CA VAL E 382 -6.52 15.31 -3.43
C VAL E 382 -6.55 13.96 -2.74
N ASN E 383 -6.55 12.86 -3.49
CA ASN E 383 -6.47 11.53 -2.88
C ASN E 383 -5.11 11.36 -2.21
N ASN E 384 -5.12 10.95 -0.95
CA ASN E 384 -3.88 10.88 -0.18
C ASN E 384 -2.91 9.84 -0.72
N GLU E 385 -3.40 8.76 -1.34
CA GLU E 385 -2.49 7.77 -1.91
C GLU E 385 -1.75 8.33 -3.11
N VAL E 386 -2.47 9.01 -4.01
CA VAL E 386 -1.83 9.62 -5.17
C VAL E 386 -0.89 10.73 -4.74
N GLN E 387 -1.29 11.52 -3.74
CA GLN E 387 -0.43 12.57 -3.23
C GLN E 387 0.84 11.98 -2.61
N LEU E 388 0.71 10.88 -1.88
CA LEU E 388 1.88 10.21 -1.31
C LEU E 388 2.81 9.69 -2.40
N GLU E 389 2.24 9.15 -3.47
CA GLU E 389 3.06 8.74 -4.61
C GLU E 389 3.77 9.92 -5.24
N PHE E 390 3.10 11.08 -5.33
CA PHE E 390 3.74 12.27 -5.87
C PHE E 390 4.90 12.73 -4.99
N ARG E 391 4.71 12.70 -3.66
CA ARG E 391 5.80 13.05 -2.76
C ARG E 391 6.96 12.05 -2.89
N LYS E 392 6.64 10.77 -3.06
CA LYS E 392 7.69 9.77 -3.25
C LYS E 392 8.48 10.05 -4.53
N SER E 393 7.77 10.38 -5.61
CA SER E 393 8.46 10.72 -6.86
C SER E 393 9.32 11.97 -6.71
N TRP E 394 8.82 12.97 -5.97
CA TRP E 394 9.62 14.17 -5.74
C TRP E 394 10.86 13.85 -4.91
N GLU E 395 10.73 12.94 -3.95
CA GLU E 395 11.89 12.51 -3.17
C GLU E 395 12.89 11.78 -4.06
N ARG E 396 12.40 10.94 -4.97
CA ARG E 396 13.29 10.27 -5.92
C ARG E 396 14.04 11.28 -6.79
N TRP E 397 13.33 12.31 -7.26
CA TRP E 397 13.98 13.35 -8.05
C TRP E 397 14.98 14.15 -7.22
N ARG E 398 14.68 14.40 -5.95
CA ARG E 398 15.63 15.06 -5.06
C ARG E 398 16.90 14.23 -4.90
N LEU E 399 16.74 12.91 -4.78
CA LEU E 399 17.87 12.00 -4.71
C LEU E 399 18.67 11.94 -6.01
N GLU E 400 18.12 12.46 -7.11
CA GLU E 400 18.81 12.49 -8.39
C GLU E 400 19.57 13.80 -8.54
#